data_5WC4
#
_entry.id   5WC4
#
_cell.length_a   55.247
_cell.length_b   112.985
_cell.length_c   62.783
_cell.angle_alpha   90.000
_cell.angle_beta   93.270
_cell.angle_gamma   90.000
#
_symmetry.space_group_name_H-M   'P 1 21 1'
#
loop_
_entity.id
_entity.type
_entity.pdbx_description
1 polymer 'BIS3 biphenyl synthase'
2 non-polymer (3R)-butane-1,3-diol
3 non-polymer 'benzoyl coenzyme A'
4 water water
#
_entity_poly.entity_id   1
_entity_poly.type   'polypeptide(L)'
_entity_poly.pdbx_seq_one_letter_code
;GSMAPLVKNEPQHAKILAIGTANPPNVYHQKDYPDFLFRVTKNEHRTDLREKFDRICEKSRTKKRYLHLTEEMLKANPNI
YTYGAPSLDVRQDICNIEVPKLGQEAALKAIKEWGQPISRITHLIFCTASCVDMPGCDFQLIKLLGLDPSVTRTMIYEAG
(CSD)YAGATVLRMAKDFAENNKGARVLVVCAEITTVFFHGLTDTHLDILVGQALFADGASAVIVGANPEPEIERPLFEI
VACRQTILPNSEHGVVANIREMGFNYYLSGDVPKFVGGNVVDFMTKTFEKVDGKKKDWNSLFFSVHPGGPAIVDQVEEKL
GLKEGKLRATRHVLSEYGNMGAPTVHFILDEMRNKSIEEGKTTTGEGLEWGVVIGIGPGLTVETAVLRSESIRC
;
_entity_poly.pdbx_strand_id   A,B
#
# COMPACT_ATOMS: atom_id res chain seq x y z
N GLN A 12 8.81 3.10 -26.17
CA GLN A 12 7.62 3.92 -25.94
C GLN A 12 7.31 4.00 -24.46
N HIS A 13 7.75 5.09 -23.84
CA HIS A 13 7.63 5.26 -22.41
C HIS A 13 6.25 5.74 -22.04
N ALA A 14 5.89 5.44 -20.82
CA ALA A 14 4.69 5.99 -20.21
C ALA A 14 4.73 7.50 -20.20
N LYS A 15 3.58 8.10 -20.49
CA LYS A 15 3.41 9.54 -20.49
C LYS A 15 2.35 9.94 -19.49
N ILE A 16 2.54 11.12 -18.90
CA ILE A 16 1.49 11.80 -18.18
C ILE A 16 0.61 12.49 -19.23
N LEU A 17 -0.67 12.12 -19.24
CA LEU A 17 -1.64 12.60 -20.22
C LEU A 17 -2.58 13.67 -19.69
N ALA A 18 -2.58 13.88 -18.38
CA ALA A 18 -3.47 14.84 -17.74
C ALA A 18 -3.07 14.99 -16.30
N ILE A 19 -3.32 16.17 -15.73
CA ILE A 19 -3.17 16.41 -14.30
C ILE A 19 -4.35 17.26 -13.85
N GLY A 20 -5.03 16.85 -12.79
CA GLY A 20 -6.06 17.64 -12.14
C GLY A 20 -5.75 17.76 -10.66
N THR A 21 -6.25 18.83 -10.04
CA THR A 21 -6.03 19.03 -8.61
C THR A 21 -7.30 19.57 -7.94
N ALA A 22 -7.34 19.42 -6.62
CA ALA A 22 -8.46 19.87 -5.80
C ALA A 22 -8.00 20.15 -4.39
N ASN A 23 -8.72 21.02 -3.70
CA ASN A 23 -8.43 21.30 -2.31
C ASN A 23 -9.75 21.51 -1.56
N PRO A 24 -9.74 21.34 -0.24
CA PRO A 24 -10.93 21.73 0.53
C PRO A 24 -11.23 23.21 0.37
N PRO A 25 -12.48 23.60 0.63
CA PRO A 25 -12.89 24.97 0.33
C PRO A 25 -12.38 26.02 1.34
N ASN A 26 -12.03 25.64 2.56
CA ASN A 26 -11.70 26.59 3.61
C ASN A 26 -10.25 27.04 3.48
N VAL A 27 -10.04 28.33 3.29
CA VAL A 27 -8.72 28.89 3.16
C VAL A 27 -8.23 29.50 4.47
N TYR A 28 -7.02 29.14 4.86
CA TYR A 28 -6.39 29.60 6.09
C TYR A 28 -5.14 30.40 5.69
N HIS A 29 -5.26 31.73 5.76
CA HIS A 29 -4.11 32.57 5.48
C HIS A 29 -3.13 32.46 6.63
N GLN A 30 -1.85 32.32 6.30
CA GLN A 30 -0.82 32.10 7.32
C GLN A 30 -0.74 33.27 8.32
N LYS A 31 -1.00 34.48 7.85
CA LYS A 31 -0.97 35.63 8.75
C LYS A 31 -1.97 35.48 9.89
N ASP A 32 -3.07 34.74 9.66
CA ASP A 32 -4.13 34.56 10.65
C ASP A 32 -4.02 33.25 11.41
N TYR A 33 -3.14 32.34 10.98
CA TYR A 33 -3.19 30.99 11.53
C TYR A 33 -2.73 30.90 12.99
N PRO A 34 -1.66 31.62 13.39
CA PRO A 34 -1.31 31.59 14.82
C PRO A 34 -2.48 31.98 15.73
N ASP A 35 -3.16 33.08 15.42
CA ASP A 35 -4.29 33.48 16.23
C ASP A 35 -5.36 32.39 16.27
N PHE A 36 -5.69 31.82 15.11
CA PHE A 36 -6.69 30.77 15.02
C PHE A 36 -6.27 29.57 15.88
N LEU A 37 -5.06 29.06 15.65
CA LEU A 37 -4.60 27.85 16.31
C LEU A 37 -4.62 27.98 17.84
N PHE A 38 -4.06 29.08 18.33
CA PHE A 38 -3.95 29.26 19.78
C PHE A 38 -5.31 29.50 20.41
N ARG A 39 -6.20 30.17 19.69
CA ARG A 39 -7.55 30.43 20.20
C ARG A 39 -8.38 29.14 20.25
N VAL A 40 -8.43 28.41 19.14
CA VAL A 40 -9.35 27.27 19.08
C VAL A 40 -8.85 26.09 19.90
N THR A 41 -7.55 26.03 20.20
CA THR A 41 -7.00 24.96 21.02
C THR A 41 -6.86 25.37 22.49
N LYS A 42 -7.33 26.56 22.85
CA LYS A 42 -7.34 27.00 24.25
C LYS A 42 -5.93 27.08 24.83
N ASN A 43 -5.02 27.62 24.03
CA ASN A 43 -3.62 27.77 24.41
C ASN A 43 -3.12 29.21 24.39
N GLU A 44 -4.02 30.17 24.53
CA GLU A 44 -3.57 31.56 24.50
C GLU A 44 -2.60 31.90 25.62
N HIS A 45 -2.65 31.15 26.72
CA HIS A 45 -1.72 31.43 27.80
C HIS A 45 -0.29 31.01 27.44
N ARG A 46 -0.13 30.17 26.41
CA ARG A 46 1.21 29.68 26.06
C ARG A 46 1.95 30.66 25.14
N THR A 47 2.24 31.83 25.69
CA THR A 47 2.89 32.88 24.94
C THR A 47 4.30 32.45 24.52
N ASP A 48 4.91 31.53 25.26
CA ASP A 48 6.19 30.94 24.89
C ASP A 48 6.07 30.19 23.57
N LEU A 49 5.06 29.34 23.46
CA LEU A 49 4.86 28.57 22.24
C LEU A 49 4.37 29.46 21.10
N ARG A 50 3.61 30.51 21.43
CA ARG A 50 3.14 31.42 20.40
C ARG A 50 4.32 32.14 19.75
N GLU A 51 5.30 32.57 20.54
CA GLU A 51 6.49 33.22 19.99
C GLU A 51 7.20 32.29 19.02
N LYS A 52 7.39 31.04 19.43
CA LYS A 52 8.09 30.07 18.60
C LYS A 52 7.28 29.83 17.33
N PHE A 53 5.97 29.70 17.46
CA PHE A 53 5.13 29.43 16.30
C PHE A 53 5.14 30.59 15.32
N ASP A 54 5.13 31.82 15.82
CA ASP A 54 5.22 32.99 14.94
C ASP A 54 6.51 32.96 14.14
N ARG A 55 7.61 32.59 14.79
CA ARG A 55 8.91 32.55 14.11
C ARG A 55 8.88 31.48 13.01
N ILE A 56 8.31 30.32 13.31
CA ILE A 56 8.21 29.25 12.32
C ILE A 56 7.34 29.70 11.15
N CYS A 57 6.20 30.31 11.45
CA CYS A 57 5.33 30.78 10.37
C CYS A 57 6.01 31.86 9.50
N GLU A 58 6.78 32.74 10.13
CA GLU A 58 7.54 33.75 9.37
C GLU A 58 8.51 33.11 8.38
N LYS A 59 9.09 31.99 8.77
CA LYS A 59 10.08 31.30 7.95
C LYS A 59 9.46 30.28 7.00
N SER A 60 8.16 30.07 7.10
CA SER A 60 7.53 28.95 6.42
C SER A 60 7.45 29.08 4.91
N ARG A 61 7.48 30.32 4.40
CA ARG A 61 7.30 30.60 2.97
C ARG A 61 5.98 30.06 2.44
N THR A 62 5.02 29.96 3.35
CA THR A 62 3.67 29.49 3.07
C THR A 62 2.72 30.64 3.35
N LYS A 63 1.99 31.11 2.33
CA LYS A 63 1.08 32.26 2.47
C LYS A 63 -0.32 31.82 2.87
N LYS A 64 -0.75 30.67 2.38
CA LYS A 64 -2.06 30.17 2.70
C LYS A 64 -2.10 28.67 2.47
N ARG A 65 -3.10 28.04 3.08
CA ARG A 65 -3.36 26.61 2.97
C ARG A 65 -4.85 26.37 2.94
N TYR A 66 -5.25 25.28 2.31
CA TYR A 66 -6.63 24.83 2.34
C TYR A 66 -6.74 23.66 3.30
N LEU A 67 -7.73 23.70 4.18
CA LEU A 67 -7.90 22.65 5.19
C LEU A 67 -9.35 22.25 5.30
N HIS A 68 -9.59 20.94 5.40
CA HIS A 68 -10.91 20.44 5.70
C HIS A 68 -11.37 20.77 7.12
N LEU A 69 -10.46 20.66 8.06
CA LEU A 69 -10.77 20.88 9.46
C LEU A 69 -11.29 22.28 9.70
N THR A 70 -12.34 22.35 10.52
CA THR A 70 -12.91 23.62 10.94
C THR A 70 -12.97 23.74 12.45
N GLU A 71 -13.14 24.97 12.91
CA GLU A 71 -13.35 25.22 14.33
C GLU A 71 -14.53 24.43 14.89
N GLU A 72 -15.61 24.30 14.13
CA GLU A 72 -16.76 23.56 14.62
C GLU A 72 -16.43 22.09 14.88
N MET A 73 -15.59 21.50 14.05
N MET A 73 -15.58 21.51 14.05
CA MET A 73 -15.19 20.12 14.26
CA MET A 73 -15.18 20.13 14.24
C MET A 73 -14.37 19.99 15.55
C MET A 73 -14.33 19.97 15.51
N LEU A 74 -13.50 20.96 15.81
CA LEU A 74 -12.70 20.93 17.02
C LEU A 74 -13.58 21.12 18.27
N LYS A 75 -14.58 21.99 18.18
CA LYS A 75 -15.47 22.19 19.32
C LYS A 75 -16.26 20.93 19.61
N ALA A 76 -16.64 20.22 18.56
CA ALA A 76 -17.41 19.00 18.72
C ALA A 76 -16.57 17.83 19.21
N ASN A 77 -15.26 17.90 18.96
CA ASN A 77 -14.31 16.82 19.25
C ASN A 77 -13.06 17.37 19.87
N PRO A 78 -13.16 17.91 21.10
CA PRO A 78 -11.99 18.55 21.69
C PRO A 78 -10.83 17.61 21.98
N ASN A 79 -11.07 16.30 22.00
CA ASN A 79 -9.93 15.40 22.11
C ASN A 79 -8.93 15.58 20.97
N ILE A 80 -9.38 16.07 19.81
CA ILE A 80 -8.46 16.28 18.70
C ILE A 80 -7.33 17.25 19.04
N TYR A 81 -7.63 18.26 19.88
CA TYR A 81 -6.59 19.22 20.28
C TYR A 81 -6.04 18.99 21.68
N THR A 82 -6.47 17.90 22.34
CA THR A 82 -5.99 17.55 23.66
C THR A 82 -4.90 16.53 23.47
N TYR A 83 -3.66 16.98 23.63
CA TYR A 83 -2.52 16.17 23.23
C TYR A 83 -2.53 14.79 23.89
N GLY A 84 -2.49 13.74 23.06
CA GLY A 84 -2.42 12.38 23.55
C GLY A 84 -3.75 11.73 23.88
N ALA A 85 -4.85 12.48 23.83
CA ALA A 85 -6.15 11.92 24.17
C ALA A 85 -6.62 11.00 23.03
N PRO A 86 -7.44 10.00 23.34
CA PRO A 86 -7.96 9.14 22.28
C PRO A 86 -8.84 9.88 21.28
N SER A 87 -8.50 9.77 19.99
CA SER A 87 -9.21 10.51 18.96
C SER A 87 -9.09 9.89 17.59
N LEU A 88 -8.45 8.73 17.47
CA LEU A 88 -8.30 8.12 16.15
C LEU A 88 -9.65 7.87 15.49
N ASP A 89 -10.59 7.37 16.26
CA ASP A 89 -11.86 6.96 15.68
C ASP A 89 -12.59 8.12 15.01
N VAL A 90 -12.66 9.27 15.69
CA VAL A 90 -13.34 10.41 15.09
C VAL A 90 -12.55 10.93 13.88
N ARG A 91 -11.23 10.91 13.94
CA ARG A 91 -10.43 11.32 12.79
C ARG A 91 -10.67 10.44 11.58
N GLN A 92 -10.67 9.13 11.79
CA GLN A 92 -10.89 8.17 10.73
C GLN A 92 -12.29 8.31 10.15
N ASP A 93 -13.29 8.56 10.99
CA ASP A 93 -14.66 8.70 10.53
C ASP A 93 -14.76 9.84 9.54
N ILE A 94 -13.98 10.89 9.78
CA ILE A 94 -13.89 12.03 8.87
C ILE A 94 -13.08 11.67 7.62
N CYS A 95 -11.84 11.23 7.82
CA CYS A 95 -10.92 11.13 6.71
C CYS A 95 -11.26 9.99 5.77
N ASN A 96 -11.79 8.88 6.26
CA ASN A 96 -12.12 7.78 5.38
C ASN A 96 -13.20 8.17 4.37
N ILE A 97 -14.00 9.17 4.69
CA ILE A 97 -14.97 9.76 3.74
C ILE A 97 -14.36 10.89 2.90
N GLU A 98 -13.68 11.82 3.56
CA GLU A 98 -13.23 13.03 2.89
C GLU A 98 -12.09 12.79 1.92
N VAL A 99 -11.22 11.82 2.18
CA VAL A 99 -10.11 11.56 1.31
C VAL A 99 -10.57 11.08 -0.08
N PRO A 100 -11.44 10.05 -0.15
CA PRO A 100 -11.90 9.66 -1.50
C PRO A 100 -12.71 10.76 -2.17
N LYS A 101 -13.48 11.54 -1.42
CA LYS A 101 -14.25 12.62 -2.02
CA LYS A 101 -14.25 12.63 -2.03
C LYS A 101 -13.36 13.69 -2.66
N LEU A 102 -12.29 14.07 -1.97
CA LEU A 102 -11.38 15.06 -2.52
C LEU A 102 -10.66 14.48 -3.74
N GLY A 103 -10.28 13.20 -3.64
CA GLY A 103 -9.68 12.51 -4.77
C GLY A 103 -10.59 12.48 -5.99
N GLN A 104 -11.89 12.28 -5.76
CA GLN A 104 -12.86 12.27 -6.83
C GLN A 104 -12.85 13.60 -7.59
N GLU A 105 -12.82 14.71 -6.85
CA GLU A 105 -12.83 16.00 -7.49
C GLU A 105 -11.62 16.19 -8.40
N ALA A 106 -10.44 15.82 -7.91
CA ALA A 106 -9.24 15.92 -8.73
C ALA A 106 -9.31 14.98 -9.93
N ALA A 107 -9.79 13.76 -9.68
CA ALA A 107 -9.87 12.78 -10.74
C ALA A 107 -10.78 13.23 -11.89
N LEU A 108 -11.93 13.82 -11.57
CA LEU A 108 -12.82 14.30 -12.61
C LEU A 108 -12.16 15.35 -13.47
N LYS A 109 -11.36 16.23 -12.87
CA LYS A 109 -10.62 17.22 -13.65
C LYS A 109 -9.58 16.57 -14.54
N ALA A 110 -8.84 15.60 -14.02
CA ALA A 110 -7.87 14.90 -14.86
C ALA A 110 -8.56 14.18 -16.03
N ILE A 111 -9.67 13.51 -15.72
CA ILE A 111 -10.39 12.78 -16.75
C ILE A 111 -10.88 13.71 -17.84
N LYS A 112 -11.39 14.88 -17.45
CA LYS A 112 -11.85 15.85 -18.44
C LYS A 112 -10.68 16.23 -19.37
N GLU A 113 -9.52 16.57 -18.81
CA GLU A 113 -8.40 16.96 -19.63
C GLU A 113 -8.00 15.84 -20.57
N TRP A 114 -7.94 14.63 -20.03
CA TRP A 114 -7.53 13.45 -20.77
C TRP A 114 -8.37 13.26 -22.02
N GLY A 115 -9.68 13.35 -21.87
CA GLY A 115 -10.58 13.40 -23.03
C GLY A 115 -11.17 12.09 -23.45
N GLN A 116 -10.85 11.00 -22.76
CA GLN A 116 -11.36 9.67 -23.04
C GLN A 116 -12.49 9.31 -22.10
N PRO A 117 -13.31 8.32 -22.49
CA PRO A 117 -14.33 7.82 -21.56
C PRO A 117 -13.69 7.14 -20.35
N ILE A 118 -14.37 7.21 -19.22
CA ILE A 118 -13.90 6.54 -18.00
C ILE A 118 -13.74 5.05 -18.19
N SER A 119 -14.50 4.44 -19.10
CA SER A 119 -14.34 3.03 -19.39
C SER A 119 -12.95 2.64 -19.93
N ARG A 120 -12.16 3.61 -20.40
CA ARG A 120 -10.80 3.34 -20.87
C ARG A 120 -9.81 3.21 -19.74
N ILE A 121 -10.18 3.58 -18.51
CA ILE A 121 -9.27 3.43 -17.37
C ILE A 121 -9.18 1.95 -17.02
N THR A 122 -7.97 1.39 -17.01
CA THR A 122 -7.74 0.01 -16.72
C THR A 122 -7.10 -0.23 -15.37
N HIS A 123 -6.44 0.79 -14.81
CA HIS A 123 -5.69 0.68 -13.58
C HIS A 123 -5.95 1.90 -12.73
N LEU A 124 -5.96 1.69 -11.41
CA LEU A 124 -6.09 2.77 -10.44
C LEU A 124 -5.00 2.62 -9.38
N ILE A 125 -4.26 3.68 -9.15
CA ILE A 125 -3.38 3.78 -8.00
C ILE A 125 -3.96 4.88 -7.12
N PHE A 126 -4.28 4.55 -5.86
CA PHE A 126 -4.71 5.55 -4.88
C PHE A 126 -3.64 5.59 -3.81
N CYS A 127 -3.25 6.80 -3.41
CA CYS A 127 -2.24 6.99 -2.38
C CYS A 127 -2.73 7.98 -1.35
N THR A 128 -2.65 7.62 -0.07
CA THR A 128 -2.90 8.54 1.00
C THR A 128 -2.19 8.11 2.26
N ALA A 129 -1.74 9.10 3.02
CA ALA A 129 -1.19 8.90 4.35
C ALA A 129 -2.11 9.43 5.44
N SER A 130 -3.37 9.71 5.09
CA SER A 130 -4.30 10.38 5.99
C SER A 130 -5.36 9.51 6.59
N CYS A 131 -5.44 8.23 6.19
CA CYS A 131 -6.47 7.34 6.69
C CYS A 131 -6.12 5.93 6.24
N VAL A 132 -6.90 4.97 6.72
CA VAL A 132 -6.72 3.57 6.34
C VAL A 132 -7.99 2.82 6.69
N ASP A 133 -8.45 1.98 5.76
CA ASP A 133 -9.70 1.24 5.96
C ASP A 133 -9.71 0.06 5.00
N MET A 134 -10.57 -0.92 5.27
CA MET A 134 -10.78 -2.08 4.41
C MET A 134 -12.29 -2.30 4.20
N PRO A 135 -12.78 -2.29 2.94
CA PRO A 135 -12.09 -1.89 1.71
C PRO A 135 -11.53 -0.47 1.79
N GLY A 136 -10.61 -0.16 0.91
CA GLY A 136 -9.88 1.08 0.94
C GLY A 136 -10.43 2.22 0.12
N CYS A 137 -9.64 3.29 0.07
CA CYS A 137 -9.98 4.50 -0.69
C CYS A 137 -10.14 4.20 -2.16
N ASP A 138 -9.33 3.28 -2.67
CA ASP A 138 -9.42 2.87 -4.07
C ASP A 138 -10.80 2.33 -4.39
N PHE A 139 -11.30 1.42 -3.54
CA PHE A 139 -12.63 0.87 -3.69
C PHE A 139 -13.68 2.01 -3.64
N GLN A 140 -13.53 2.91 -2.68
CA GLN A 140 -14.50 3.99 -2.57
C GLN A 140 -14.49 4.90 -3.81
N LEU A 141 -13.32 5.16 -4.37
CA LEU A 141 -13.20 5.99 -5.56
C LEU A 141 -13.82 5.30 -6.77
N ILE A 142 -13.65 3.99 -6.88
CA ILE A 142 -14.30 3.23 -7.95
C ILE A 142 -15.79 3.45 -7.93
N LYS A 143 -16.40 3.34 -6.74
N LYS A 143 -16.37 3.40 -6.73
CA LYS A 143 -17.82 3.62 -6.60
CA LYS A 143 -17.80 3.61 -6.55
C LYS A 143 -18.16 5.05 -7.01
C LYS A 143 -18.22 5.04 -6.90
N LEU A 144 -17.44 6.03 -6.49
CA LEU A 144 -17.75 7.42 -6.76
C LEU A 144 -17.69 7.78 -8.23
N LEU A 145 -16.68 7.28 -8.92
CA LEU A 145 -16.46 7.60 -10.33
C LEU A 145 -17.19 6.70 -11.30
N GLY A 146 -17.63 5.54 -10.84
CA GLY A 146 -18.15 4.54 -11.75
C GLY A 146 -17.07 3.90 -12.62
N LEU A 147 -15.87 3.72 -12.08
CA LEU A 147 -14.85 2.97 -12.80
C LEU A 147 -15.30 1.54 -13.03
N ASP A 148 -14.73 0.90 -14.04
CA ASP A 148 -15.01 -0.52 -14.29
C ASP A 148 -14.70 -1.31 -13.01
N PRO A 149 -15.58 -2.22 -12.62
CA PRO A 149 -15.31 -3.03 -11.42
C PRO A 149 -14.08 -3.90 -11.53
N SER A 150 -13.58 -4.11 -12.74
CA SER A 150 -12.36 -4.91 -12.95
C SER A 150 -11.12 -4.05 -13.18
N VAL A 151 -11.12 -2.78 -12.76
CA VAL A 151 -9.88 -2.05 -12.77
CA VAL A 151 -9.89 -2.03 -12.76
C VAL A 151 -8.87 -2.73 -11.84
N THR A 152 -7.62 -2.69 -12.26
CA THR A 152 -6.51 -3.28 -11.52
C THR A 152 -5.96 -2.22 -10.58
N ARG A 153 -6.01 -2.49 -9.28
CA ARG A 153 -5.78 -1.48 -8.25
C ARG A 153 -4.49 -1.66 -7.46
N THR A 154 -3.92 -0.54 -7.06
CA THR A 154 -2.81 -0.46 -6.14
C THR A 154 -3.17 0.61 -5.13
N MET A 155 -3.27 0.25 -3.86
CA MET A 155 -3.69 1.12 -2.78
C MET A 155 -2.47 1.32 -1.88
N ILE A 156 -1.91 2.52 -1.94
CA ILE A 156 -0.68 2.89 -1.21
C ILE A 156 -1.07 3.71 0.02
N TYR A 157 -1.07 3.08 1.17
CA TYR A 157 -1.39 3.67 2.46
C TYR A 157 -0.12 4.01 3.23
N GLU A 158 -0.09 5.21 3.79
CA GLU A 158 0.91 5.60 4.77
C GLU A 158 2.35 5.46 4.26
N ALA A 159 2.61 5.81 3.02
CA ALA A 159 3.98 5.87 2.54
C ALA A 159 4.65 7.19 2.96
N GLY A 160 3.93 8.29 2.85
N GLY A 160 3.93 8.30 2.85
CA GLY A 160 4.49 9.60 3.16
CA GLY A 160 4.50 9.59 3.18
C GLY A 160 5.00 10.36 1.97
C GLY A 160 5.08 10.34 1.98
N CYS A 161 5.91 11.31 2.22
CA CYS A 161 6.11 12.44 1.30
C CYS A 161 7.07 12.17 0.13
N TYR A 162 7.53 10.93 -0.02
N TYR A 162 7.56 10.95 0.02
CA TYR A 162 8.21 10.55 -1.25
CA TYR A 162 8.20 10.58 -1.24
C TYR A 162 7.25 10.00 -2.29
C TYR A 162 7.24 10.04 -2.28
N ALA A 163 6.00 9.77 -1.90
CA ALA A 163 5.13 8.94 -2.73
C ALA A 163 4.63 9.63 -4.00
N GLY A 164 4.69 10.95 -4.09
CA GLY A 164 4.29 11.60 -5.33
C GLY A 164 5.18 11.21 -6.49
N ALA A 165 6.45 10.89 -6.21
CA ALA A 165 7.35 10.33 -7.22
C ALA A 165 7.11 8.82 -7.37
N THR A 166 6.94 8.12 -6.26
CA THR A 166 6.74 6.67 -6.26
C THR A 166 5.54 6.25 -7.10
N VAL A 167 4.44 6.98 -7.01
CA VAL A 167 3.26 6.58 -7.77
C VAL A 167 3.50 6.74 -9.28
N LEU A 168 4.35 7.68 -9.68
CA LEU A 168 4.68 7.81 -11.10
C LEU A 168 5.52 6.63 -11.56
N ARG A 169 6.43 6.17 -10.70
CA ARG A 169 7.23 4.99 -10.97
C ARG A 169 6.36 3.75 -11.13
N MET A 170 5.42 3.57 -10.21
CA MET A 170 4.51 2.43 -10.29
C MET A 170 3.63 2.51 -11.56
N ALA A 171 3.09 3.69 -11.83
CA ALA A 171 2.24 3.88 -13.00
C ALA A 171 3.02 3.60 -14.27
N LYS A 172 4.28 4.00 -14.33
CA LYS A 172 5.13 3.72 -15.47
C LYS A 172 5.22 2.24 -15.74
N ASP A 173 5.53 1.45 -14.73
CA ASP A 173 5.64 0.00 -14.96
C ASP A 173 4.31 -0.61 -15.37
N PHE A 174 3.21 -0.20 -14.74
CA PHE A 174 1.92 -0.75 -15.08
C PHE A 174 1.54 -0.38 -16.52
N ALA A 175 1.75 0.88 -16.89
CA ALA A 175 1.37 1.36 -18.22
C ALA A 175 2.24 0.76 -19.31
N GLU A 176 3.52 0.55 -19.04
CA GLU A 176 4.41 0.02 -20.06
C GLU A 176 4.29 -1.49 -20.21
N ASN A 177 3.99 -2.21 -19.13
CA ASN A 177 3.92 -3.65 -19.23
C ASN A 177 2.56 -4.17 -19.67
N ASN A 178 1.55 -3.35 -19.61
CA ASN A 178 0.19 -3.73 -19.96
C ASN A 178 -0.24 -2.90 -21.14
N LYS A 179 -0.18 -3.48 -22.33
CA LYS A 179 -0.40 -2.72 -23.54
C LYS A 179 -1.80 -2.16 -23.61
N GLY A 180 -1.88 -0.87 -23.87
CA GLY A 180 -3.14 -0.17 -23.91
C GLY A 180 -3.64 0.32 -22.55
N ALA A 181 -2.94 -0.01 -21.48
CA ALA A 181 -3.38 0.38 -20.16
C ALA A 181 -3.42 1.89 -20.02
N ARG A 182 -4.38 2.34 -19.23
CA ARG A 182 -4.50 3.74 -18.87
C ARG A 182 -4.68 3.77 -17.35
N VAL A 183 -3.72 4.39 -16.67
CA VAL A 183 -3.65 4.36 -15.24
C VAL A 183 -4.12 5.69 -14.65
N LEU A 184 -5.15 5.66 -13.82
CA LEU A 184 -5.54 6.81 -13.04
C LEU A 184 -4.80 6.74 -11.72
N VAL A 185 -4.07 7.79 -11.40
CA VAL A 185 -3.29 7.92 -10.18
C VAL A 185 -3.88 9.04 -9.36
N VAL A 186 -4.31 8.76 -8.14
CA VAL A 186 -4.92 9.76 -7.26
C VAL A 186 -4.20 9.76 -5.95
N CYS A 187 -3.69 10.93 -5.57
CA CYS A 187 -3.07 11.15 -4.26
C CYS A 187 -3.91 12.17 -3.52
N ALA A 188 -4.35 11.87 -2.32
CA ALA A 188 -5.24 12.79 -1.60
C ALA A 188 -4.86 12.80 -0.14
N GLU A 189 -4.80 14.00 0.45
CA GLU A 189 -4.43 14.18 1.84
C GLU A 189 -5.41 15.11 2.54
N ILE A 190 -5.86 14.68 3.72
CA ILE A 190 -6.66 15.46 4.63
C ILE A 190 -5.99 15.37 6.00
N THR A 191 -5.39 16.46 6.45
CA THR A 191 -4.50 16.44 7.60
C THR A 191 -5.17 16.50 8.95
N THR A 192 -6.50 16.41 8.97
CA THR A 192 -7.25 16.26 10.21
C THR A 192 -6.67 15.16 11.09
N VAL A 193 -6.19 14.07 10.49
CA VAL A 193 -5.66 12.95 11.26
C VAL A 193 -4.34 13.26 11.98
N PHE A 194 -3.62 14.27 11.46
CA PHE A 194 -2.31 14.70 11.96
C PHE A 194 -2.37 15.93 12.88
N PHE A 195 -3.55 16.51 13.06
CA PHE A 195 -3.66 17.72 13.86
C PHE A 195 -3.47 17.35 15.33
N HIS A 196 -2.53 18.01 16.02
CA HIS A 196 -2.35 17.78 17.45
C HIS A 196 -2.20 19.09 18.20
N GLY A 197 -2.56 19.04 19.47
CA GLY A 197 -2.35 20.16 20.36
C GLY A 197 -0.91 20.36 20.76
N LEU A 198 -0.72 21.29 21.67
CA LEU A 198 0.57 21.94 21.84
C LEU A 198 1.20 21.63 23.18
N THR A 199 2.43 21.14 23.13
CA THR A 199 3.19 20.84 24.33
C THR A 199 4.66 21.04 24.05
N ASP A 200 5.38 21.62 25.00
CA ASP A 200 6.81 21.87 24.82
C ASP A 200 7.63 20.56 24.86
N THR A 201 6.97 19.44 25.12
CA THR A 201 7.60 18.14 25.05
C THR A 201 7.57 17.55 23.64
N HIS A 202 6.85 18.19 22.72
CA HIS A 202 6.73 17.71 21.34
C HIS A 202 6.62 18.91 20.41
N LEU A 203 7.73 19.63 20.29
CA LEU A 203 7.77 20.88 19.56
C LEU A 203 7.63 20.68 18.05
N ASP A 204 7.88 19.46 17.57
CA ASP A 204 7.73 19.14 16.15
C ASP A 204 6.35 19.49 15.63
N ILE A 205 5.36 19.39 16.51
CA ILE A 205 3.99 19.71 16.14
C ILE A 205 3.86 21.16 15.67
N LEU A 206 4.68 22.06 16.20
CA LEU A 206 4.64 23.44 15.73
C LEU A 206 5.04 23.54 14.26
N VAL A 207 5.98 22.69 13.83
CA VAL A 207 6.39 22.69 12.44
C VAL A 207 5.25 22.16 11.55
N GLY A 208 4.67 21.02 11.91
CA GLY A 208 3.55 20.50 11.13
C GLY A 208 2.35 21.44 11.10
N GLN A 209 2.09 22.08 12.22
CA GLN A 209 1.02 23.06 12.31
C GLN A 209 1.20 24.25 11.36
N ALA A 210 2.46 24.61 11.08
CA ALA A 210 2.76 25.71 10.17
C ALA A 210 2.73 25.30 8.70
N LEU A 211 3.08 24.05 8.40
CA LEU A 211 3.35 23.63 7.02
C LEU A 211 2.34 22.71 6.38
N PHE A 212 1.74 21.80 7.13
CA PHE A 212 0.98 20.73 6.52
C PHE A 212 -0.38 21.23 6.04
N ALA A 213 -0.83 20.68 4.91
CA ALA A 213 -2.04 21.19 4.25
C ALA A 213 -2.75 20.11 3.48
N ASP A 214 -3.95 20.42 2.99
CA ASP A 214 -4.80 19.43 2.36
C ASP A 214 -4.88 19.66 0.86
N GLY A 215 -5.00 18.56 0.12
CA GLY A 215 -5.08 18.66 -1.32
C GLY A 215 -5.13 17.28 -1.94
N ALA A 216 -5.52 17.24 -3.20
CA ALA A 216 -5.50 16.01 -3.97
C ALA A 216 -5.04 16.31 -5.38
N SER A 217 -4.32 15.34 -5.94
CA SER A 217 -3.95 15.35 -7.34
C SER A 217 -4.47 14.10 -8.02
N ALA A 218 -4.61 14.20 -9.33
CA ALA A 218 -4.94 13.08 -10.16
C ALA A 218 -4.15 13.21 -11.43
N VAL A 219 -3.56 12.10 -11.85
CA VAL A 219 -2.73 12.04 -13.02
C VAL A 219 -3.18 10.84 -13.85
N ILE A 220 -3.29 10.99 -15.16
CA ILE A 220 -3.54 9.84 -16.04
C ILE A 220 -2.23 9.52 -16.73
N VAL A 221 -1.83 8.24 -16.69
CA VAL A 221 -0.59 7.76 -17.26
C VAL A 221 -0.88 6.68 -18.29
N GLY A 222 -0.24 6.77 -19.45
CA GLY A 222 -0.36 5.75 -20.46
C GLY A 222 0.79 5.82 -21.43
N ALA A 223 1.18 4.69 -21.98
CA ALA A 223 2.09 4.66 -23.11
C ALA A 223 1.29 4.61 -24.43
N ASN A 224 1.94 5.01 -25.51
CA ASN A 224 1.32 5.02 -26.83
C ASN A 224 0.08 5.93 -26.91
N PRO A 225 0.27 7.24 -26.76
CA PRO A 225 -0.89 8.15 -26.80
C PRO A 225 -1.67 8.06 -28.12
N GLU A 226 -2.99 8.13 -28.00
CA GLU A 226 -3.94 8.05 -29.14
C GLU A 226 -4.01 9.42 -29.79
N PRO A 227 -3.51 9.53 -31.03
CA PRO A 227 -3.30 10.87 -31.60
C PRO A 227 -4.53 11.76 -31.71
N GLU A 228 -5.62 11.29 -31.93
CA GLU A 228 -6.87 12.02 -32.12
C GLU A 228 -7.49 12.56 -30.83
N ILE A 229 -6.97 12.14 -29.71
CA ILE A 229 -7.65 12.40 -28.45
C ILE A 229 -6.67 12.87 -27.38
N GLU A 230 -5.55 12.16 -27.20
CA GLU A 230 -4.69 12.34 -26.04
C GLU A 230 -3.56 13.32 -26.38
N ARG A 231 -3.15 14.04 -25.36
CA ARG A 231 -2.14 15.08 -25.47
C ARG A 231 -1.17 14.94 -24.32
N PRO A 232 -0.01 14.31 -24.54
CA PRO A 232 0.94 14.13 -23.44
C PRO A 232 1.54 15.43 -22.94
N LEU A 233 1.81 15.43 -21.64
CA LEU A 233 2.42 16.56 -20.94
C LEU A 233 3.88 16.29 -20.58
N PHE A 234 4.17 15.08 -20.10
CA PHE A 234 5.52 14.69 -19.68
C PHE A 234 5.68 13.21 -20.02
N GLU A 235 6.92 12.77 -20.16
CA GLU A 235 7.28 11.38 -20.33
C GLU A 235 8.04 10.93 -19.09
N ILE A 236 7.69 9.76 -18.55
CA ILE A 236 8.35 9.23 -17.36
C ILE A 236 9.44 8.28 -17.85
N VAL A 237 10.69 8.72 -17.77
CA VAL A 237 11.81 8.03 -18.40
C VAL A 237 12.45 6.97 -17.51
N ALA A 238 12.80 7.34 -16.28
CA ALA A 238 13.55 6.46 -15.38
C ALA A 238 13.33 6.92 -13.95
N CYS A 239 13.44 6.02 -13.00
CA CYS A 239 13.15 6.31 -11.63
C CYS A 239 14.14 5.60 -10.71
N ARG A 240 14.35 6.14 -9.53
CA ARG A 240 15.22 5.50 -8.52
C ARG A 240 14.72 5.85 -7.15
N GLN A 241 14.77 4.89 -6.25
CA GLN A 241 14.39 5.07 -4.85
C GLN A 241 15.61 4.73 -4.01
N THR A 242 15.88 5.51 -2.97
CA THR A 242 17.01 5.21 -2.11
C THR A 242 16.75 5.69 -0.70
N ILE A 243 17.45 5.10 0.24
CA ILE A 243 17.42 5.47 1.65
C ILE A 243 18.68 6.26 1.96
N LEU A 244 18.54 7.44 2.53
CA LEU A 244 19.70 8.24 2.89
C LEU A 244 20.33 7.65 4.17
N PRO A 245 21.65 7.46 4.19
CA PRO A 245 22.27 6.81 5.34
C PRO A 245 22.03 7.54 6.67
N ASN A 246 21.83 6.76 7.72
CA ASN A 246 21.89 7.26 9.09
C ASN A 246 20.85 8.32 9.39
N SER A 247 19.67 8.17 8.80
CA SER A 247 18.63 9.19 8.92
C SER A 247 17.27 8.62 9.28
N GLU A 248 17.24 7.48 9.98
CA GLU A 248 15.95 6.82 10.26
CA GLU A 248 15.97 6.82 10.26
C GLU A 248 15.05 7.67 11.15
N HIS A 249 15.65 8.51 11.97
CA HIS A 249 14.91 9.43 12.85
C HIS A 249 14.42 10.69 12.14
N GLY A 250 14.67 10.82 10.84
CA GLY A 250 14.36 12.06 10.15
C GLY A 250 12.87 12.39 10.17
N VAL A 251 12.06 11.45 9.69
CA VAL A 251 10.62 11.60 9.69
C VAL A 251 10.03 10.29 10.13
N VAL A 252 9.26 10.34 11.20
CA VAL A 252 8.62 9.16 11.77
C VAL A 252 7.17 9.50 12.00
N ALA A 253 6.27 8.57 11.70
CA ALA A 253 4.87 8.77 12.03
C ALA A 253 4.27 7.46 12.47
N ASN A 254 3.51 7.50 13.55
CA ASN A 254 2.93 6.31 14.14
C ASN A 254 1.42 6.46 14.18
N ILE A 255 0.75 5.36 13.90
CA ILE A 255 -0.71 5.30 13.88
C ILE A 255 -1.15 4.81 15.25
N ARG A 256 -1.72 5.72 16.04
CA ARG A 256 -1.97 5.51 17.47
C ARG A 256 -3.40 5.87 17.85
N GLU A 257 -3.76 5.55 19.09
CA GLU A 257 -5.07 5.90 19.61
C GLU A 257 -5.33 7.41 19.59
N MET A 258 -4.25 8.20 19.68
CA MET A 258 -4.33 9.68 19.66
C MET A 258 -4.38 10.27 18.24
N GLY A 259 -4.40 9.41 17.22
CA GLY A 259 -4.32 9.87 15.84
C GLY A 259 -2.98 9.51 15.23
N PHE A 260 -2.63 10.17 14.12
CA PHE A 260 -1.36 9.87 13.46
C PHE A 260 -0.34 10.85 14.03
N ASN A 261 0.52 10.36 14.89
CA ASN A 261 1.51 11.18 15.57
C ASN A 261 2.74 11.23 14.68
N TYR A 262 3.53 12.30 14.72
CA TYR A 262 4.71 12.43 13.87
C TYR A 262 5.83 13.13 14.61
N TYR A 263 7.03 12.84 14.14
CA TYR A 263 8.26 13.44 14.64
C TYR A 263 9.10 13.82 13.44
N LEU A 264 9.65 15.02 13.52
CA LEU A 264 10.47 15.57 12.46
C LEU A 264 11.80 16.01 13.04
N SER A 265 12.90 15.43 12.57
CA SER A 265 14.20 15.86 13.04
C SER A 265 14.59 17.20 12.43
N GLY A 266 15.16 18.08 13.23
CA GLY A 266 15.71 19.31 12.71
C GLY A 266 16.82 19.12 11.69
N ASP A 267 17.37 17.91 11.60
CA ASP A 267 18.43 17.64 10.64
C ASP A 267 17.98 17.20 9.25
N VAL A 268 16.67 17.10 9.01
CA VAL A 268 16.21 16.67 7.70
C VAL A 268 16.78 17.52 6.55
N PRO A 269 16.70 18.85 6.63
CA PRO A 269 17.27 19.63 5.51
C PRO A 269 18.76 19.33 5.26
N LYS A 270 19.55 19.20 6.32
CA LYS A 270 20.96 18.88 6.17
C LYS A 270 21.18 17.51 5.54
N PHE A 271 20.35 16.51 5.90
CA PHE A 271 20.46 15.22 5.25
C PHE A 271 20.17 15.31 3.74
N VAL A 272 19.14 16.07 3.39
CA VAL A 272 18.79 16.20 1.98
C VAL A 272 19.96 16.90 1.25
N GLY A 273 20.45 18.02 1.78
CA GLY A 273 21.53 18.75 1.15
C GLY A 273 22.79 17.91 1.04
N GLY A 274 23.07 17.08 2.05
CA GLY A 274 24.28 16.27 2.05
C GLY A 274 24.24 15.10 1.08
N ASN A 275 23.06 14.77 0.58
CA ASN A 275 22.88 13.63 -0.30
C ASN A 275 22.41 13.97 -1.72
N VAL A 276 21.97 15.21 -1.96
CA VAL A 276 21.29 15.53 -3.21
C VAL A 276 22.18 15.36 -4.45
N VAL A 277 23.45 15.76 -4.39
CA VAL A 277 24.29 15.54 -5.56
C VAL A 277 24.40 14.05 -5.85
N ASP A 278 24.59 13.24 -4.81
CA ASP A 278 24.68 11.81 -4.99
C ASP A 278 23.41 11.20 -5.55
N PHE A 279 22.25 11.53 -4.97
CA PHE A 279 21.05 10.86 -5.46
C PHE A 279 20.66 11.35 -6.85
N MET A 280 20.98 12.59 -7.18
CA MET A 280 20.74 13.07 -8.54
C MET A 280 21.68 12.37 -9.52
N THR A 281 22.95 12.24 -9.15
CA THR A 281 23.91 11.58 -10.02
C THR A 281 23.52 10.13 -10.28
N LYS A 282 23.15 9.40 -9.23
CA LYS A 282 22.80 8.00 -9.37
C LYS A 282 21.52 7.83 -10.20
N THR A 283 20.62 8.79 -10.11
CA THR A 283 19.39 8.74 -10.90
C THR A 283 19.72 8.89 -12.37
N PHE A 284 20.51 9.90 -12.69
CA PHE A 284 20.83 10.18 -14.09
C PHE A 284 21.79 9.15 -14.69
N GLU A 285 22.44 8.35 -13.87
CA GLU A 285 23.23 7.23 -14.37
C GLU A 285 22.34 6.24 -15.15
N LYS A 286 21.05 6.21 -14.84
CA LYS A 286 20.09 5.36 -15.55
C LYS A 286 19.68 5.90 -16.90
N VAL A 287 20.12 7.10 -17.21
CA VAL A 287 19.72 7.79 -18.43
C VAL A 287 20.94 8.04 -19.32
N ASP A 288 21.83 8.93 -18.89
CA ASP A 288 22.93 9.38 -19.73
C ASP A 288 24.21 9.70 -18.97
N GLY A 289 24.21 9.46 -17.66
CA GLY A 289 25.40 9.74 -16.88
C GLY A 289 25.63 11.19 -16.47
N LYS A 290 24.58 12.02 -16.47
CA LYS A 290 24.74 13.42 -16.06
C LYS A 290 25.29 13.51 -14.63
N LYS A 291 26.27 14.41 -14.43
CA LYS A 291 27.02 14.53 -13.19
C LYS A 291 27.13 15.96 -12.67
N LYS A 292 26.70 16.93 -13.46
CA LYS A 292 26.90 18.35 -13.14
C LYS A 292 25.97 19.15 -14.04
N ASP A 293 26.03 20.48 -13.89
CA ASP A 293 25.21 21.40 -14.70
C ASP A 293 23.69 21.12 -14.55
N TRP A 294 23.27 21.06 -13.30
CA TRP A 294 21.93 20.74 -12.95
C TRP A 294 20.93 21.81 -13.39
N ASN A 295 21.40 23.02 -13.71
CA ASN A 295 20.50 24.06 -14.20
C ASN A 295 19.90 23.78 -15.57
N SER A 296 20.40 22.76 -16.25
CA SER A 296 19.85 22.42 -17.54
C SER A 296 18.49 21.74 -17.43
N LEU A 297 18.11 21.33 -16.21
CA LEU A 297 16.87 20.59 -15.95
C LEU A 297 15.76 21.49 -15.46
N PHE A 298 14.53 21.03 -15.65
CA PHE A 298 13.39 21.53 -14.86
C PHE A 298 13.16 20.64 -13.65
N PHE A 299 12.55 21.20 -12.61
CA PHE A 299 12.43 20.54 -11.32
C PHE A 299 11.03 20.61 -10.72
N SER A 300 10.59 19.49 -10.16
CA SER A 300 9.46 19.47 -9.22
C SER A 300 9.97 18.84 -7.94
N VAL A 301 10.23 19.67 -6.95
CA VAL A 301 10.85 19.22 -5.68
C VAL A 301 9.76 19.24 -4.62
N HIS A 302 9.59 18.12 -3.93
CA HIS A 302 8.64 18.08 -2.83
C HIS A 302 9.05 19.10 -1.77
N PRO A 303 8.20 20.10 -1.49
CA PRO A 303 8.62 21.18 -0.59
C PRO A 303 8.25 20.81 0.84
N GLY A 304 8.97 19.84 1.39
CA GLY A 304 8.61 19.33 2.69
C GLY A 304 8.67 20.41 3.74
N GLY A 305 9.61 21.32 3.53
CA GLY A 305 9.62 22.64 4.13
C GLY A 305 10.54 23.53 3.33
N PRO A 306 10.52 24.83 3.61
CA PRO A 306 11.34 25.76 2.81
C PRO A 306 12.83 25.44 2.89
N ALA A 307 13.29 24.96 4.03
CA ALA A 307 14.71 24.66 4.16
C ALA A 307 15.15 23.50 3.27
N ILE A 308 14.27 22.55 3.00
CA ILE A 308 14.59 21.47 2.09
C ILE A 308 14.77 22.04 0.67
N VAL A 309 13.86 22.91 0.26
CA VAL A 309 13.95 23.55 -1.03
C VAL A 309 15.27 24.34 -1.16
N ASP A 310 15.61 25.11 -0.13
CA ASP A 310 16.84 25.88 -0.14
C ASP A 310 18.08 25.00 -0.22
N GLN A 311 18.07 23.84 0.43
CA GLN A 311 19.22 22.92 0.37
C GLN A 311 19.40 22.31 -1.01
N VAL A 312 18.31 21.94 -1.67
CA VAL A 312 18.41 21.43 -3.02
C VAL A 312 18.98 22.52 -3.95
N GLU A 313 18.46 23.73 -3.83
CA GLU A 313 18.96 24.84 -4.64
C GLU A 313 20.45 25.07 -4.42
N GLU A 314 20.86 25.15 -3.16
CA GLU A 314 22.24 25.45 -2.85
C GLU A 314 23.18 24.36 -3.34
N LYS A 315 22.90 23.11 -2.97
CA LYS A 315 23.86 22.05 -3.25
C LYS A 315 23.93 21.64 -4.70
N LEU A 316 22.85 21.86 -5.45
CA LEU A 316 22.90 21.63 -6.90
C LEU A 316 23.35 22.86 -7.69
N GLY A 317 23.60 23.98 -7.01
CA GLY A 317 24.03 25.18 -7.67
C GLY A 317 22.98 25.77 -8.59
N LEU A 318 21.71 25.66 -8.22
CA LEU A 318 20.64 26.15 -9.06
C LEU A 318 20.57 27.67 -9.05
N LYS A 319 20.28 28.24 -10.21
CA LYS A 319 20.19 29.67 -10.37
C LYS A 319 18.89 30.21 -9.82
N GLU A 320 18.90 31.50 -9.54
CA GLU A 320 17.71 32.21 -9.12
C GLU A 320 16.55 31.92 -10.04
N GLY A 321 15.44 31.52 -9.44
CA GLY A 321 14.22 31.28 -10.19
C GLY A 321 14.07 29.86 -10.70
N LYS A 322 15.09 29.03 -10.60
CA LYS A 322 14.98 27.67 -11.11
C LYS A 322 13.83 26.93 -10.41
N LEU A 323 13.67 27.13 -9.11
CA LEU A 323 12.64 26.43 -8.33
C LEU A 323 11.39 27.29 -8.11
N ARG A 324 11.12 28.24 -9.00
CA ARG A 324 9.94 29.07 -8.89
C ARG A 324 8.63 28.29 -8.76
N ALA A 325 8.42 27.27 -9.59
CA ALA A 325 7.15 26.57 -9.55
C ALA A 325 6.96 25.86 -8.20
N THR A 326 8.03 25.24 -7.72
CA THR A 326 8.04 24.59 -6.40
C THR A 326 7.68 25.60 -5.32
N ARG A 327 8.35 26.74 -5.34
CA ARG A 327 8.11 27.75 -4.30
C ARG A 327 6.72 28.35 -4.40
N HIS A 328 6.20 28.48 -5.61
CA HIS A 328 4.87 28.99 -5.81
C HIS A 328 3.83 28.10 -5.16
N VAL A 329 3.94 26.80 -5.37
CA VAL A 329 3.00 25.86 -4.79
C VAL A 329 3.12 25.86 -3.26
N LEU A 330 4.35 25.83 -2.73
CA LEU A 330 4.52 25.91 -1.29
C LEU A 330 3.82 27.16 -0.74
N SER A 331 3.99 28.28 -1.43
CA SER A 331 3.39 29.54 -1.01
C SER A 331 1.88 29.52 -0.99
N GLU A 332 1.30 28.99 -2.06
CA GLU A 332 -0.17 29.08 -2.26
C GLU A 332 -0.96 27.93 -1.65
N TYR A 333 -0.28 26.82 -1.33
CA TYR A 333 -0.94 25.60 -0.87
C TYR A 333 -0.32 24.95 0.35
N GLY A 334 0.93 25.26 0.68
CA GLY A 334 1.64 24.52 1.71
C GLY A 334 2.09 23.15 1.27
N ASN A 335 2.53 22.36 2.25
CA ASN A 335 2.98 20.98 2.02
C ASN A 335 1.79 20.02 2.16
N MET A 336 1.27 19.59 1.03
CA MET A 336 0.10 18.73 0.97
C MET A 336 0.49 17.26 0.88
N GLY A 337 1.75 16.92 1.15
CA GLY A 337 2.18 15.55 1.07
C GLY A 337 2.40 15.12 -0.37
N ALA A 338 2.14 13.84 -0.63
CA ALA A 338 2.39 13.25 -1.95
C ALA A 338 1.86 14.02 -3.17
N PRO A 339 0.64 14.61 -3.10
CA PRO A 339 0.18 15.34 -4.30
C PRO A 339 0.99 16.56 -4.68
N THR A 340 1.80 17.08 -3.77
CA THR A 340 2.39 18.40 -3.98
C THR A 340 3.24 18.46 -5.24
N VAL A 341 4.06 17.44 -5.50
CA VAL A 341 4.87 17.48 -6.70
C VAL A 341 4.03 17.46 -7.98
N HIS A 342 2.81 16.93 -7.92
CA HIS A 342 1.92 16.97 -9.10
C HIS A 342 1.31 18.37 -9.28
N PHE A 343 0.96 19.03 -8.18
CA PHE A 343 0.59 20.44 -8.25
C PHE A 343 1.70 21.25 -8.90
N ILE A 344 2.96 20.95 -8.56
CA ILE A 344 4.08 21.69 -9.10
C ILE A 344 4.23 21.44 -10.60
N LEU A 345 4.08 20.19 -11.04
CA LEU A 345 4.11 19.93 -12.47
C LEU A 345 2.97 20.66 -13.21
N ASP A 346 1.79 20.70 -12.59
CA ASP A 346 0.65 21.40 -13.18
C ASP A 346 0.94 22.89 -13.29
N GLU A 347 1.49 23.48 -12.21
CA GLU A 347 1.87 24.88 -12.21
C GLU A 347 2.90 25.18 -13.29
N MET A 348 3.89 24.30 -13.41
CA MET A 348 4.93 24.47 -14.41
C MET A 348 4.34 24.45 -15.81
N ARG A 349 3.45 23.51 -16.07
CA ARG A 349 2.77 23.45 -17.36
C ARG A 349 2.00 24.76 -17.60
N ASN A 350 1.25 25.22 -16.58
N ASN A 350 1.29 25.24 -16.58
CA ASN A 350 0.42 26.41 -16.71
CA ASN A 350 0.45 26.38 -16.79
C ASN A 350 1.28 27.62 -17.02
C ASN A 350 1.25 27.66 -16.99
N LYS A 351 2.35 27.79 -16.25
CA LYS A 351 3.23 28.95 -16.42
C LYS A 351 3.93 28.89 -17.79
N SER A 352 4.27 27.68 -18.23
CA SER A 352 4.91 27.52 -19.51
C SER A 352 3.98 27.96 -20.64
N ILE A 353 2.70 27.61 -20.56
CA ILE A 353 1.71 28.12 -21.51
C ILE A 353 1.67 29.65 -21.44
N GLU A 354 1.57 30.19 -20.23
CA GLU A 354 1.44 31.64 -20.06
C GLU A 354 2.64 32.37 -20.70
N GLU A 355 3.83 31.83 -20.53
CA GLU A 355 5.05 32.48 -21.01
C GLU A 355 5.36 32.18 -22.46
N GLY A 356 4.55 31.33 -23.11
CA GLY A 356 4.83 30.95 -24.48
C GLY A 356 6.08 30.11 -24.65
N LYS A 357 6.40 29.28 -23.65
CA LYS A 357 7.53 28.38 -23.75
C LYS A 357 7.27 27.28 -24.76
N THR A 358 8.34 26.70 -25.26
CA THR A 358 8.22 25.68 -26.25
C THR A 358 7.81 24.32 -25.68
N THR A 359 7.97 24.12 -24.36
CA THR A 359 7.63 22.84 -23.75
C THR A 359 7.00 23.08 -22.40
N THR A 360 6.35 22.04 -21.91
CA THR A 360 5.69 22.04 -20.61
C THR A 360 6.67 22.14 -19.43
N GLY A 361 7.95 21.91 -19.68
CA GLY A 361 8.98 21.97 -18.67
C GLY A 361 9.77 23.26 -18.76
N GLU A 362 9.07 24.40 -18.84
CA GLU A 362 9.74 25.69 -18.83
C GLU A 362 10.61 25.84 -20.08
N GLY A 363 10.22 25.19 -21.19
CA GLY A 363 11.01 25.19 -22.41
C GLY A 363 12.14 24.17 -22.47
N LEU A 364 12.46 23.55 -21.34
CA LEU A 364 13.57 22.63 -21.27
C LEU A 364 13.12 21.23 -21.62
N GLU A 365 14.06 20.38 -21.97
CA GLU A 365 13.74 19.03 -22.42
C GLU A 365 13.63 18.02 -21.26
N TRP A 366 14.58 18.05 -20.34
CA TRP A 366 14.71 17.04 -19.29
C TRP A 366 14.46 17.66 -17.93
N GLY A 367 13.89 16.87 -17.02
CA GLY A 367 13.62 17.34 -15.68
C GLY A 367 13.53 16.20 -14.69
N VAL A 368 13.23 16.55 -13.44
CA VAL A 368 13.17 15.56 -12.38
C VAL A 368 12.09 15.92 -11.39
N VAL A 369 11.46 14.88 -10.85
CA VAL A 369 10.59 14.96 -9.69
C VAL A 369 11.34 14.36 -8.52
N ILE A 370 11.40 15.08 -7.40
CA ILE A 370 12.09 14.60 -6.20
C ILE A 370 11.10 14.52 -5.06
N GLY A 371 10.82 13.30 -4.62
CA GLY A 371 9.97 13.05 -3.44
C GLY A 371 10.87 12.67 -2.27
N ILE A 372 10.55 13.16 -1.08
CA ILE A 372 11.36 12.97 0.11
C ILE A 372 10.46 12.65 1.30
N GLY A 373 10.70 11.54 2.00
CA GLY A 373 9.86 11.17 3.13
C GLY A 373 10.56 10.19 4.07
N PRO A 374 9.78 9.46 4.87
CA PRO A 374 10.33 8.59 5.94
C PRO A 374 11.39 7.63 5.45
N GLY A 375 12.47 7.53 6.22
CA GLY A 375 13.56 6.60 5.95
C GLY A 375 14.93 7.11 6.38
N LEU A 376 15.36 8.31 5.96
CA LEU A 376 14.72 9.12 4.91
C LEU A 376 14.82 8.40 3.57
N THR A 377 13.73 8.41 2.85
CA THR A 377 13.65 7.83 1.52
C THR A 377 13.47 8.95 0.51
N VAL A 378 14.24 8.87 -0.57
CA VAL A 378 14.11 9.79 -1.70
C VAL A 378 13.77 8.96 -2.93
N GLU A 379 12.69 9.32 -3.61
CA GLU A 379 12.38 8.75 -4.91
C GLU A 379 12.46 9.87 -5.94
N THR A 380 13.16 9.59 -6.99
CA THR A 380 13.31 10.51 -8.12
C THR A 380 12.67 9.89 -9.36
N ALA A 381 12.08 10.74 -10.18
CA ALA A 381 11.58 10.35 -11.48
C ALA A 381 12.14 11.33 -12.49
N VAL A 382 12.88 10.83 -13.45
CA VAL A 382 13.37 11.63 -14.56
C VAL A 382 12.27 11.73 -15.58
N LEU A 383 11.99 12.97 -15.99
CA LEU A 383 10.97 13.26 -16.97
C LEU A 383 11.56 13.89 -18.20
N ARG A 384 10.86 13.73 -19.33
CA ARG A 384 11.02 14.64 -20.44
C ARG A 384 9.74 15.45 -20.55
N SER A 385 9.88 16.70 -20.97
CA SER A 385 8.73 17.54 -21.25
C SER A 385 8.14 17.17 -22.59
N GLU A 386 7.04 17.83 -22.93
CA GLU A 386 6.38 17.69 -24.23
C GLU A 386 6.22 19.07 -24.83
N SER A 387 6.14 19.12 -26.15
CA SER A 387 5.97 20.36 -26.86
CA SER A 387 5.98 20.37 -26.86
C SER A 387 4.64 21.01 -26.54
N ILE A 388 4.63 22.34 -26.44
CA ILE A 388 3.41 23.12 -26.44
C ILE A 388 3.26 23.57 -27.90
N ARG A 389 2.26 23.05 -28.58
CA ARG A 389 2.17 23.30 -30.02
C ARG A 389 1.55 24.66 -30.32
N CYS A 390 1.97 25.26 -31.42
CA CYS A 390 1.44 26.58 -31.78
C CYS A 390 1.41 26.74 -33.30
N GLN B 12 8.69 -14.07 -22.58
CA GLN B 12 9.55 -14.04 -21.39
C GLN B 12 8.76 -13.56 -20.16
N HIS B 13 7.84 -14.38 -19.66
CA HIS B 13 7.06 -13.93 -18.52
C HIS B 13 7.88 -14.05 -17.23
N ALA B 14 7.43 -13.30 -16.26
CA ALA B 14 7.91 -13.41 -14.92
C ALA B 14 7.69 -14.81 -14.37
N LYS B 15 8.69 -15.31 -13.64
CA LYS B 15 8.65 -16.63 -13.03
C LYS B 15 8.84 -16.50 -11.54
N ILE B 16 8.17 -17.37 -10.78
CA ILE B 16 8.46 -17.58 -9.39
C ILE B 16 9.69 -18.49 -9.31
N LEU B 17 10.73 -18.02 -8.65
CA LEU B 17 12.02 -18.69 -8.60
C LEU B 17 12.28 -19.37 -7.25
N ALA B 18 11.47 -19.06 -6.25
CA ALA B 18 11.65 -19.59 -4.90
C ALA B 18 10.43 -19.24 -4.08
N ILE B 19 10.13 -20.08 -3.10
CA ILE B 19 9.08 -19.82 -2.11
C ILE B 19 9.61 -20.25 -0.74
N GLY B 20 9.52 -19.40 0.26
CA GLY B 20 9.82 -19.73 1.64
C GLY B 20 8.68 -19.33 2.55
N THR B 21 8.53 -20.01 3.68
CA THR B 21 7.44 -19.72 4.61
C THR B 21 7.92 -19.80 6.05
N ALA B 22 7.16 -19.16 6.92
CA ALA B 22 7.49 -19.15 8.35
C ALA B 22 6.22 -18.96 9.16
N ASN B 23 6.24 -19.39 10.41
CA ASN B 23 5.13 -19.17 11.33
C ASN B 23 5.69 -18.94 12.73
N PRO B 24 4.91 -18.26 13.60
CA PRO B 24 5.32 -18.20 15.00
C PRO B 24 5.44 -19.58 15.62
N PRO B 25 6.17 -19.69 16.72
CA PRO B 25 6.49 -21.00 17.28
C PRO B 25 5.35 -21.65 18.05
N ASN B 26 4.37 -20.88 18.52
CA ASN B 26 3.34 -21.41 19.41
CA ASN B 26 3.37 -21.44 19.41
C ASN B 26 2.22 -22.06 18.64
N VAL B 27 2.00 -23.36 18.86
CA VAL B 27 0.96 -24.11 18.16
CA VAL B 27 0.97 -24.12 18.17
C VAL B 27 -0.30 -24.22 19.01
N TYR B 28 -1.42 -23.90 18.39
CA TYR B 28 -2.74 -23.98 19.00
C TYR B 28 -3.56 -25.01 18.27
N HIS B 29 -3.70 -26.19 18.87
CA HIS B 29 -4.55 -27.22 18.28
C HIS B 29 -6.01 -26.82 18.45
N GLN B 30 -6.77 -26.95 17.39
CA GLN B 30 -8.16 -26.51 17.39
C GLN B 30 -8.99 -27.21 18.46
N LYS B 31 -8.69 -28.48 18.73
CA LYS B 31 -9.42 -29.21 19.76
C LYS B 31 -9.33 -28.51 21.12
N ASP B 32 -8.24 -27.81 21.35
CA ASP B 32 -7.98 -27.12 22.61
C ASP B 32 -8.35 -25.65 22.62
N TYR B 33 -8.64 -25.08 21.46
CA TYR B 33 -8.75 -23.63 21.38
C TYR B 33 -9.98 -23.07 22.10
N PRO B 34 -11.16 -23.72 21.98
CA PRO B 34 -12.29 -23.18 22.74
C PRO B 34 -12.00 -23.10 24.25
N ASP B 35 -11.39 -24.13 24.83
CA ASP B 35 -11.06 -24.06 26.25
C ASP B 35 -10.10 -22.90 26.53
N PHE B 36 -9.07 -22.78 25.70
CA PHE B 36 -8.11 -21.71 25.86
C PHE B 36 -8.78 -20.34 25.78
N LEU B 37 -9.55 -20.12 24.72
CA LEU B 37 -10.12 -18.79 24.47
C LEU B 37 -11.06 -18.39 25.60
N PHE B 38 -11.93 -19.31 26.01
CA PHE B 38 -12.92 -18.95 27.01
C PHE B 38 -12.28 -18.77 28.38
N ARG B 39 -11.22 -19.52 28.66
CA ARG B 39 -10.52 -19.39 29.93
C ARG B 39 -9.73 -18.09 30.02
N VAL B 40 -8.92 -17.80 29.01
CA VAL B 40 -8.01 -16.65 29.10
C VAL B 40 -8.74 -15.32 28.97
N THR B 41 -9.93 -15.34 28.36
CA THR B 41 -10.72 -14.11 28.24
C THR B 41 -11.79 -13.98 29.30
N LYS B 42 -11.81 -14.92 30.24
CA LYS B 42 -12.70 -14.85 31.41
C LYS B 42 -14.17 -14.91 31.00
N ASN B 43 -14.49 -15.79 30.06
CA ASN B 43 -15.86 -15.91 29.55
C ASN B 43 -16.46 -17.29 29.75
N GLU B 44 -15.92 -18.05 30.71
CA GLU B 44 -16.39 -19.42 30.90
C GLU B 44 -17.88 -19.47 31.30
N HIS B 45 -18.42 -18.38 31.83
CA HIS B 45 -19.84 -18.34 32.17
C HIS B 45 -20.76 -18.22 30.96
N ARG B 46 -20.22 -17.85 29.80
CA ARG B 46 -21.02 -17.68 28.60
C ARG B 46 -21.19 -18.99 27.82
N THR B 47 -21.96 -19.91 28.40
CA THR B 47 -22.11 -21.25 27.83
C THR B 47 -22.80 -21.21 26.45
N ASP B 48 -23.63 -20.19 26.23
CA ASP B 48 -24.26 -20.00 24.94
C ASP B 48 -23.25 -19.69 23.84
N LEU B 49 -22.35 -18.76 24.15
CA LEU B 49 -21.30 -18.43 23.20
C LEU B 49 -20.35 -19.61 23.01
N ARG B 50 -20.10 -20.37 24.08
CA ARG B 50 -19.21 -21.52 23.98
C ARG B 50 -19.77 -22.58 23.05
N GLU B 51 -21.04 -22.90 23.19
CA GLU B 51 -21.62 -23.90 22.31
C GLU B 51 -21.54 -23.47 20.85
N LYS B 52 -21.84 -22.21 20.58
CA LYS B 52 -21.71 -21.70 19.21
C LYS B 52 -20.27 -21.78 18.71
N PHE B 53 -19.33 -21.40 19.56
CA PHE B 53 -17.93 -21.44 19.14
C PHE B 53 -17.47 -22.88 18.88
N ASP B 54 -17.92 -23.82 19.70
CA ASP B 54 -17.64 -25.23 19.46
C ASP B 54 -18.16 -25.67 18.10
N ARG B 55 -19.38 -25.27 17.74
CA ARG B 55 -19.93 -25.66 16.44
C ARG B 55 -19.13 -25.06 15.28
N ILE B 56 -18.73 -23.79 15.42
CA ILE B 56 -17.91 -23.15 14.39
C ILE B 56 -16.56 -23.87 14.26
N CYS B 57 -15.92 -24.18 15.38
CA CYS B 57 -14.64 -24.89 15.33
C CYS B 57 -14.80 -26.28 14.69
N GLU B 58 -15.88 -26.99 15.01
CA GLU B 58 -16.13 -28.29 14.40
C GLU B 58 -16.24 -28.22 12.87
N LYS B 59 -16.78 -27.11 12.36
CA LYS B 59 -16.95 -26.91 10.91
C LYS B 59 -15.74 -26.26 10.25
N SER B 60 -14.75 -25.84 11.03
CA SER B 60 -13.68 -25.00 10.51
C SER B 60 -12.71 -25.67 9.56
N ARG B 61 -12.60 -26.99 9.63
CA ARG B 61 -11.65 -27.77 8.83
C ARG B 61 -10.22 -27.28 9.06
N THR B 62 -9.99 -26.77 10.26
CA THR B 62 -8.70 -26.27 10.70
C THR B 62 -8.30 -27.09 11.92
N LYS B 63 -7.18 -27.80 11.83
CA LYS B 63 -6.72 -28.68 12.91
C LYS B 63 -5.82 -27.96 13.87
N LYS B 64 -5.01 -27.04 13.37
CA LYS B 64 -4.10 -26.28 14.22
C LYS B 64 -3.72 -25.00 13.52
N ARG B 65 -3.26 -24.07 14.33
CA ARG B 65 -2.78 -22.76 13.89
C ARG B 65 -1.55 -22.36 14.68
N TYR B 66 -0.72 -21.53 14.10
CA TYR B 66 0.42 -20.94 14.79
C TYR B 66 0.10 -19.49 15.08
N LEU B 67 0.34 -19.08 16.32
CA LEU B 67 -0.01 -17.72 16.76
C LEU B 67 1.13 -17.13 17.57
N HIS B 68 1.42 -15.85 17.29
CA HIS B 68 2.35 -15.10 18.12
C HIS B 68 1.78 -14.87 19.52
N LEU B 69 0.52 -14.52 19.59
CA LEU B 69 -0.14 -14.20 20.85
C LEU B 69 -0.05 -15.36 21.84
N THR B 70 0.23 -15.01 23.10
CA THR B 70 0.25 -15.97 24.19
C THR B 70 -0.64 -15.50 25.34
N GLU B 71 -0.95 -16.44 26.22
CA GLU B 71 -1.68 -16.11 27.42
C GLU B 71 -0.97 -15.05 28.25
N GLU B 72 0.36 -15.10 28.34
CA GLU B 72 1.09 -14.10 29.12
C GLU B 72 0.89 -12.69 28.57
N MET B 73 0.84 -12.57 27.24
N MET B 73 0.84 -12.58 27.25
CA MET B 73 0.59 -11.27 26.63
CA MET B 73 0.58 -11.28 26.63
C MET B 73 -0.82 -10.75 26.96
C MET B 73 -0.82 -10.76 26.97
N LEU B 74 -1.80 -11.66 27.00
CA LEU B 74 -3.15 -11.27 27.35
C LEU B 74 -3.26 -10.85 28.82
N LYS B 75 -2.55 -11.57 29.70
CA LYS B 75 -2.54 -11.21 31.11
C LYS B 75 -1.92 -9.84 31.35
N ALA B 76 -0.86 -9.53 30.59
CA ALA B 76 -0.18 -8.25 30.71
C ALA B 76 -0.97 -7.10 30.09
N ASN B 77 -1.86 -7.44 29.15
CA ASN B 77 -2.64 -6.47 28.38
C ASN B 77 -4.09 -6.89 28.26
N PRO B 78 -4.82 -6.89 29.37
CA PRO B 78 -6.19 -7.41 29.33
C PRO B 78 -7.13 -6.56 28.49
N ASN B 79 -6.78 -5.33 28.17
N ASN B 79 -6.73 -5.34 28.17
CA ASN B 79 -7.60 -4.58 27.23
CA ASN B 79 -7.47 -4.53 27.21
C ASN B 79 -7.70 -5.30 25.87
C ASN B 79 -7.66 -5.26 25.88
N ILE B 80 -6.72 -6.13 25.51
CA ILE B 80 -6.79 -6.84 24.25
C ILE B 80 -8.03 -7.76 24.18
N TYR B 81 -8.43 -8.34 25.32
CA TYR B 81 -9.62 -9.21 25.34
C TYR B 81 -10.88 -8.57 25.90
N THR B 82 -10.79 -7.29 26.25
CA THR B 82 -11.92 -6.56 26.78
C THR B 82 -12.57 -5.83 25.61
N TYR B 83 -13.71 -6.33 25.15
CA TYR B 83 -14.25 -5.90 23.88
C TYR B 83 -14.45 -4.40 23.82
N GLY B 84 -13.83 -3.75 22.84
CA GLY B 84 -14.01 -2.33 22.64
C GLY B 84 -13.08 -1.44 23.43
N ALA B 85 -12.27 -2.02 24.33
CA ALA B 85 -11.36 -1.18 25.13
C ALA B 85 -10.23 -0.64 24.26
N PRO B 86 -9.69 0.53 24.60
CA PRO B 86 -8.56 1.04 23.83
C PRO B 86 -7.33 0.13 23.95
N SER B 87 -6.81 -0.30 22.82
CA SER B 87 -5.74 -1.28 22.79
C SER B 87 -4.90 -1.25 21.51
N LEU B 88 -5.17 -0.32 20.59
CA LEU B 88 -4.41 -0.27 19.35
C LEU B 88 -2.93 -0.06 19.63
N ASP B 89 -2.60 0.80 20.60
CA ASP B 89 -1.20 1.13 20.82
C ASP B 89 -0.38 -0.11 21.22
N VAL B 90 -0.88 -0.91 22.16
CA VAL B 90 -0.14 -2.10 22.53
C VAL B 90 -0.09 -3.11 21.39
N ARG B 91 -1.16 -3.24 20.63
CA ARG B 91 -1.15 -4.16 19.50
C ARG B 91 -0.10 -3.76 18.46
N GLN B 92 -0.05 -2.48 18.14
CA GLN B 92 0.92 -1.96 17.17
C GLN B 92 2.35 -2.13 17.67
N ASP B 93 2.56 -1.87 18.97
CA ASP B 93 3.90 -2.01 19.50
C ASP B 93 4.42 -3.43 19.31
N ILE B 94 3.52 -4.42 19.39
CA ILE B 94 3.86 -5.81 19.11
C ILE B 94 4.02 -6.05 17.61
N CYS B 95 2.98 -5.74 16.84
CA CYS B 95 2.97 -6.16 15.46
C CYS B 95 3.97 -5.42 14.57
N ASN B 96 4.21 -4.14 14.84
CA ASN B 96 5.18 -3.41 14.03
C ASN B 96 6.61 -3.99 14.14
N ILE B 97 6.89 -4.72 15.21
CA ILE B 97 8.14 -5.46 15.37
C ILE B 97 8.03 -6.89 14.83
N GLU B 98 6.97 -7.59 15.19
CA GLU B 98 6.87 -9.01 14.89
C GLU B 98 6.59 -9.30 13.41
N VAL B 99 5.89 -8.40 12.73
CA VAL B 99 5.57 -8.64 11.32
C VAL B 99 6.86 -8.66 10.47
N PRO B 100 7.71 -7.63 10.55
CA PRO B 100 8.95 -7.70 9.78
C PRO B 100 9.84 -8.86 10.19
N LYS B 101 9.88 -9.21 11.47
CA LYS B 101 10.71 -10.32 11.91
C LYS B 101 10.26 -11.66 11.32
N LEU B 102 8.95 -11.91 11.29
CA LEU B 102 8.45 -13.15 10.70
C LEU B 102 8.68 -13.12 9.18
N GLY B 103 8.49 -11.96 8.55
CA GLY B 103 8.82 -11.80 7.15
C GLY B 103 10.27 -12.12 6.84
N GLN B 104 11.17 -11.66 7.70
CA GLN B 104 12.60 -11.94 7.54
C GLN B 104 12.87 -13.43 7.49
N GLU B 105 12.26 -14.20 8.38
CA GLU B 105 12.47 -15.64 8.40
C GLU B 105 12.06 -16.28 7.07
N ALA B 106 10.88 -15.91 6.57
CA ALA B 106 10.42 -16.46 5.31
C ALA B 106 11.34 -16.02 4.18
N ALA B 107 11.72 -14.75 4.19
CA ALA B 107 12.59 -14.21 3.12
C ALA B 107 13.91 -14.95 3.07
N LEU B 108 14.53 -15.21 4.22
CA LEU B 108 15.83 -15.92 4.22
C LEU B 108 15.68 -17.31 3.61
N LYS B 109 14.56 -17.98 3.86
CA LYS B 109 14.31 -19.29 3.24
C LYS B 109 14.14 -19.18 1.75
N ALA B 110 13.38 -18.18 1.28
CA ALA B 110 13.25 -17.99 -0.17
C ALA B 110 14.60 -17.68 -0.82
N ILE B 111 15.36 -16.79 -0.20
CA ILE B 111 16.65 -16.41 -0.74
C ILE B 111 17.59 -17.61 -0.82
N LYS B 112 17.58 -18.45 0.21
CA LYS B 112 18.38 -19.66 0.17
C LYS B 112 18.02 -20.54 -1.02
N GLU B 113 16.72 -20.78 -1.21
CA GLU B 113 16.28 -21.61 -2.34
C GLU B 113 16.75 -21.00 -3.66
N TRP B 114 16.54 -19.71 -3.79
CA TRP B 114 16.91 -19.00 -5.01
C TRP B 114 18.40 -19.18 -5.34
N GLY B 115 19.24 -18.99 -4.33
CA GLY B 115 20.66 -19.34 -4.44
C GLY B 115 21.54 -18.19 -4.93
N GLN B 116 20.99 -16.99 -5.08
CA GLN B 116 21.72 -15.80 -5.47
C GLN B 116 21.96 -14.89 -4.28
N PRO B 117 22.92 -13.96 -4.42
CA PRO B 117 23.20 -13.05 -3.31
C PRO B 117 22.02 -12.11 -3.03
N ILE B 118 21.86 -11.71 -1.78
CA ILE B 118 20.85 -10.69 -1.40
C ILE B 118 21.07 -9.40 -2.19
N SER B 119 22.32 -9.08 -2.52
CA SER B 119 22.63 -7.85 -3.25
C SER B 119 22.04 -7.85 -4.67
N ARG B 120 21.61 -9.00 -5.18
CA ARG B 120 21.03 -9.12 -6.48
C ARG B 120 19.53 -8.72 -6.51
N ILE B 121 18.90 -8.61 -5.36
CA ILE B 121 17.49 -8.20 -5.30
C ILE B 121 17.41 -6.71 -5.64
N THR B 122 16.55 -6.35 -6.58
CA THR B 122 16.39 -4.98 -7.04
C THR B 122 15.10 -4.34 -6.56
N HIS B 123 14.11 -5.15 -6.20
CA HIS B 123 12.77 -4.70 -5.87
C HIS B 123 12.28 -5.47 -4.66
N LEU B 124 11.53 -4.79 -3.81
CA LEU B 124 10.90 -5.41 -2.63
C LEU B 124 9.44 -5.02 -2.59
N ILE B 125 8.56 -6.01 -2.48
CA ILE B 125 7.14 -5.81 -2.19
C ILE B 125 6.92 -6.41 -0.82
N PHE B 126 6.44 -5.61 0.14
CA PHE B 126 6.03 -6.11 1.46
C PHE B 126 4.55 -5.89 1.58
N CYS B 127 3.81 -6.89 2.07
CA CYS B 127 2.38 -6.83 2.24
C CYS B 127 2.00 -7.30 3.63
N THR B 128 1.20 -6.50 4.34
CA THR B 128 0.61 -6.91 5.59
C THR B 128 -0.67 -6.15 5.85
N ALA B 129 -1.61 -6.84 6.47
CA ALA B 129 -2.83 -6.24 6.99
C ALA B 129 -2.85 -6.21 8.51
N SER B 130 -1.69 -6.42 9.16
CA SER B 130 -1.64 -6.58 10.59
C SER B 130 -1.07 -5.42 11.37
N CYS B 131 -0.57 -4.41 10.67
CA CYS B 131 0.06 -3.27 11.32
C CYS B 131 0.24 -2.17 10.29
N VAL B 132 0.67 -0.99 10.74
CA VAL B 132 0.96 0.13 9.85
C VAL B 132 1.86 1.10 10.62
N ASP B 133 2.88 1.62 9.94
CA ASP B 133 3.86 2.51 10.56
C ASP B 133 4.62 3.25 9.46
N MET B 134 5.26 4.36 9.82
CA MET B 134 6.10 5.13 8.92
C MET B 134 7.44 5.44 9.59
N PRO B 135 8.58 5.01 9.01
CA PRO B 135 8.73 4.11 7.87
C PRO B 135 8.05 2.77 8.11
N GLY B 136 7.83 2.06 7.02
CA GLY B 136 7.05 0.85 7.07
C GLY B 136 7.83 -0.43 7.21
N CYS B 137 7.10 -1.54 7.13
CA CYS B 137 7.69 -2.87 7.25
C CYS B 137 8.75 -3.13 6.20
N ASP B 138 8.57 -2.57 5.01
CA ASP B 138 9.55 -2.71 3.95
C ASP B 138 10.91 -2.14 4.38
N PHE B 139 10.88 -0.94 4.94
CA PHE B 139 12.09 -0.32 5.48
C PHE B 139 12.72 -1.20 6.56
N GLN B 140 11.90 -1.71 7.48
CA GLN B 140 12.42 -2.55 8.53
C GLN B 140 13.07 -3.84 8.00
N LEU B 141 12.44 -4.42 6.98
CA LEU B 141 12.97 -5.62 6.39
C LEU B 141 14.31 -5.35 5.68
N ILE B 142 14.43 -4.21 5.02
CA ILE B 142 15.69 -3.81 4.37
C ILE B 142 16.82 -3.82 5.41
N LYS B 143 16.54 -3.26 6.58
CA LYS B 143 17.52 -3.23 7.67
CA LYS B 143 17.51 -3.23 7.66
C LYS B 143 17.84 -4.64 8.14
N LEU B 144 16.83 -5.47 8.36
CA LEU B 144 17.03 -6.82 8.89
C LEU B 144 17.83 -7.68 7.93
N LEU B 145 17.53 -7.62 6.64
CA LEU B 145 18.19 -8.46 5.64
C LEU B 145 19.49 -7.89 5.10
N GLY B 146 19.70 -6.58 5.24
CA GLY B 146 20.80 -5.94 4.55
C GLY B 146 20.58 -5.83 3.05
N LEU B 147 19.33 -5.59 2.65
CA LEU B 147 19.06 -5.32 1.24
C LEU B 147 19.76 -4.03 0.82
N ASP B 148 20.03 -3.91 -0.47
CA ASP B 148 20.56 -2.67 -1.00
C ASP B 148 19.66 -1.50 -0.60
N PRO B 149 20.23 -0.38 -0.09
CA PRO B 149 19.37 0.74 0.30
C PRO B 149 18.63 1.37 -0.86
N SER B 150 19.02 1.04 -2.10
CA SER B 150 18.32 1.56 -3.28
CA SER B 150 18.32 1.56 -3.27
C SER B 150 17.37 0.54 -3.91
N VAL B 151 16.97 -0.48 -3.17
CA VAL B 151 15.92 -1.34 -3.68
C VAL B 151 14.66 -0.52 -3.92
N THR B 152 13.94 -0.87 -4.98
CA THR B 152 12.69 -0.19 -5.35
C THR B 152 11.53 -0.88 -4.65
N ARG B 153 10.83 -0.15 -3.80
CA ARG B 153 9.90 -0.75 -2.85
C ARG B 153 8.42 -0.45 -3.15
N THR B 154 7.58 -1.41 -2.81
CA THR B 154 6.13 -1.27 -2.81
C THR B 154 5.66 -1.85 -1.49
N MET B 155 5.01 -1.02 -0.68
CA MET B 155 4.54 -1.38 0.66
C MET B 155 3.02 -1.39 0.65
N ILE B 156 2.44 -2.58 0.70
CA ILE B 156 1.00 -2.81 0.59
C ILE B 156 0.45 -3.07 1.99
N TYR B 157 -0.17 -2.05 2.55
CA TYR B 157 -0.78 -2.09 3.87
C TYR B 157 -2.29 -2.27 3.78
N GLU B 158 -2.82 -3.17 4.59
CA GLU B 158 -4.26 -3.30 4.78
C GLU B 158 -5.05 -3.52 3.49
N ALA B 159 -4.52 -4.35 2.60
CA ALA B 159 -5.31 -4.81 1.46
C ALA B 159 -6.27 -5.94 1.85
N GLY B 160 -5.77 -6.90 2.61
N GLY B 160 -5.76 -6.92 2.58
CA GLY B 160 -6.58 -8.03 3.02
CA GLY B 160 -6.57 -8.07 2.96
C GLY B 160 -6.37 -9.24 2.14
C GLY B 160 -6.38 -9.28 2.06
N CYS B 161 -7.38 -10.10 2.09
CA CYS B 161 -7.13 -11.51 1.76
C CYS B 161 -7.08 -11.83 0.26
N TYR B 162 -7.20 -10.84 -0.61
N TYR B 162 -7.21 -10.87 -0.58
CA TYR B 162 -6.91 -11.04 -2.03
CA TYR B 162 -6.90 -11.07 -2.00
C TYR B 162 -5.46 -10.78 -2.38
C TYR B 162 -5.43 -10.84 -2.35
N ALA B 163 -4.67 -10.28 -1.43
CA ALA B 163 -3.39 -9.72 -1.79
C ALA B 163 -2.31 -10.75 -2.11
N GLY B 164 -2.48 -12.01 -1.75
CA GLY B 164 -1.51 -13.01 -2.16
C GLY B 164 -1.42 -13.18 -3.67
N ALA B 165 -2.54 -12.95 -4.36
CA ALA B 165 -2.56 -12.90 -5.80
C ALA B 165 -2.08 -11.53 -6.31
N THR B 166 -2.53 -10.44 -5.68
CA THR B 166 -2.16 -9.10 -6.10
C THR B 166 -0.65 -8.90 -6.10
N VAL B 167 0.05 -9.39 -5.08
CA VAL B 167 1.49 -9.15 -5.04
C VAL B 167 2.19 -9.87 -6.17
N LEU B 168 1.67 -11.00 -6.63
CA LEU B 168 2.23 -11.70 -7.80
C LEU B 168 2.02 -10.87 -9.07
N ARG B 169 0.86 -10.27 -9.20
CA ARG B 169 0.56 -9.38 -10.31
C ARG B 169 1.53 -8.18 -10.33
N MET B 170 1.73 -7.55 -9.18
CA MET B 170 2.64 -6.41 -9.12
C MET B 170 4.08 -6.86 -9.42
N ALA B 171 4.51 -7.98 -8.84
CA ALA B 171 5.85 -8.48 -9.08
C ALA B 171 6.06 -8.78 -10.57
N LYS B 172 5.04 -9.33 -11.23
CA LYS B 172 5.09 -9.61 -12.64
C LYS B 172 5.42 -8.35 -13.43
N ASP B 173 4.67 -7.27 -13.19
CA ASP B 173 4.92 -6.05 -13.93
C ASP B 173 6.30 -5.48 -13.65
N PHE B 174 6.74 -5.48 -12.39
CA PHE B 174 8.06 -4.95 -12.08
C PHE B 174 9.17 -5.79 -12.71
N ALA B 175 9.03 -7.09 -12.67
CA ALA B 175 10.03 -8.00 -13.21
C ALA B 175 10.09 -7.91 -14.73
N GLU B 176 8.93 -7.82 -15.37
CA GLU B 176 8.91 -7.84 -16.83
C GLU B 176 9.29 -6.50 -17.43
N ASN B 177 9.05 -5.39 -16.73
CA ASN B 177 9.34 -4.08 -17.29
C ASN B 177 10.73 -3.55 -16.97
N ASN B 178 11.51 -4.28 -16.18
CA ASN B 178 12.84 -3.84 -15.76
C ASN B 178 13.81 -4.96 -15.99
N LYS B 179 14.61 -4.85 -17.03
CA LYS B 179 15.51 -5.93 -17.42
C LYS B 179 16.42 -6.31 -16.28
N GLY B 180 16.47 -7.60 -15.99
CA GLY B 180 17.30 -8.14 -14.93
C GLY B 180 16.73 -7.98 -13.54
N ALA B 181 15.56 -7.37 -13.37
CA ALA B 181 15.05 -7.15 -12.03
C ALA B 181 14.78 -8.48 -11.33
N ARG B 182 15.00 -8.48 -10.03
CA ARG B 182 14.68 -9.63 -9.18
C ARG B 182 13.91 -9.08 -7.99
N VAL B 183 12.66 -9.53 -7.87
CA VAL B 183 11.71 -8.99 -6.92
C VAL B 183 11.55 -9.95 -5.74
N LEU B 184 11.83 -9.46 -4.55
CA LEU B 184 11.52 -10.19 -3.32
C LEU B 184 10.13 -9.72 -2.88
N VAL B 185 9.23 -10.67 -2.69
CA VAL B 185 7.86 -10.42 -2.26
C VAL B 185 7.67 -11.08 -0.91
N VAL B 186 7.28 -10.31 0.08
CA VAL B 186 7.08 -10.84 1.44
C VAL B 186 5.69 -10.44 1.91
N CYS B 187 4.93 -11.43 2.36
CA CYS B 187 3.61 -11.23 2.95
C CYS B 187 3.69 -11.79 4.36
N ALA B 188 3.28 -11.02 5.36
CA ALA B 188 3.40 -11.47 6.74
C ALA B 188 2.21 -11.01 7.53
N GLU B 189 1.65 -11.89 8.36
CA GLU B 189 0.49 -11.59 9.17
C GLU B 189 0.69 -12.07 10.59
N ILE B 190 0.35 -11.18 11.52
CA ILE B 190 0.33 -11.47 12.95
C ILE B 190 -1.02 -10.94 13.46
N THR B 191 -1.90 -11.87 13.84
CA THR B 191 -3.30 -11.54 14.07
C THR B 191 -3.60 -11.01 15.45
N THR B 192 -2.56 -10.76 16.25
CA THR B 192 -2.72 -10.09 17.53
C THR B 192 -3.55 -8.83 17.39
N VAL B 193 -3.39 -8.09 16.28
CA VAL B 193 -4.13 -6.85 16.11
C VAL B 193 -5.64 -7.06 15.91
N PHE B 194 -6.03 -8.27 15.47
CA PHE B 194 -7.42 -8.62 15.18
C PHE B 194 -8.08 -9.40 16.31
N PHE B 195 -7.36 -9.76 17.37
CA PHE B 195 -7.94 -10.54 18.46
C PHE B 195 -8.92 -9.68 19.24
N HIS B 196 -10.17 -10.14 19.38
CA HIS B 196 -11.15 -9.43 20.22
C HIS B 196 -11.88 -10.41 21.13
N GLY B 197 -12.34 -9.86 22.25
CA GLY B 197 -13.21 -10.59 23.15
C GLY B 197 -14.60 -10.82 22.60
N LEU B 198 -15.39 -11.47 23.42
CA LEU B 198 -16.63 -12.09 22.99
C LEU B 198 -17.83 -11.31 23.52
N THR B 199 -18.73 -10.99 22.61
CA THR B 199 -19.97 -10.30 22.94
C THR B 199 -21.05 -10.82 22.01
N ASP B 200 -22.27 -11.01 22.54
CA ASP B 200 -23.35 -11.56 21.71
C ASP B 200 -23.85 -10.56 20.66
N THR B 201 -23.35 -9.33 20.72
CA THR B 201 -23.69 -8.29 19.76
C THR B 201 -22.75 -8.26 18.54
N HIS B 202 -21.68 -9.06 18.56
CA HIS B 202 -20.70 -9.06 17.48
C HIS B 202 -20.18 -10.48 17.32
N LEU B 203 -21.05 -11.32 16.78
CA LEU B 203 -20.79 -12.75 16.67
C LEU B 203 -19.75 -13.10 15.60
N ASP B 204 -19.47 -12.14 14.71
CA ASP B 204 -18.46 -12.32 13.68
C ASP B 204 -17.13 -12.71 14.26
N ILE B 205 -16.87 -12.20 15.46
CA ILE B 205 -15.60 -12.44 16.16
C ILE B 205 -15.42 -13.95 16.39
N LEU B 206 -16.50 -14.70 16.60
CA LEU B 206 -16.35 -16.14 16.78
C LEU B 206 -15.78 -16.81 15.53
N VAL B 207 -16.14 -16.32 14.35
CA VAL B 207 -15.62 -16.88 13.13
C VAL B 207 -14.11 -16.57 12.98
N GLY B 208 -13.72 -15.32 13.20
CA GLY B 208 -12.31 -14.97 13.15
C GLY B 208 -11.50 -15.69 14.21
N GLN B 209 -12.09 -15.88 15.38
CA GLN B 209 -11.40 -16.60 16.45
C GLN B 209 -11.14 -18.05 16.09
N ALA B 210 -12.00 -18.64 15.26
CA ALA B 210 -11.83 -20.03 14.82
C ALA B 210 -10.86 -20.18 13.67
N LEU B 211 -10.79 -19.18 12.79
CA LEU B 211 -10.09 -19.36 11.52
C LEU B 211 -8.77 -18.62 11.36
N PHE B 212 -8.63 -17.43 11.93
CA PHE B 212 -7.51 -16.56 11.57
C PHE B 212 -6.22 -17.03 12.26
N ALA B 213 -5.12 -16.92 11.54
CA ALA B 213 -3.84 -17.46 11.98
C ALA B 213 -2.67 -16.66 11.47
N ASP B 214 -1.46 -16.98 11.97
CA ASP B 214 -0.28 -16.20 11.68
C ASP B 214 0.67 -16.95 10.76
N GLY B 215 1.36 -16.22 9.92
CA GLY B 215 2.31 -16.79 9.02
C GLY B 215 2.90 -15.76 8.09
N ALA B 216 3.97 -16.15 7.42
CA ALA B 216 4.58 -15.31 6.40
C ALA B 216 5.06 -16.16 5.27
N SER B 217 5.03 -15.54 4.09
CA SER B 217 5.58 -16.13 2.88
C SER B 217 6.55 -15.17 2.23
N ALA B 218 7.44 -15.73 1.43
CA ALA B 218 8.34 -14.94 0.63
C ALA B 218 8.49 -15.65 -0.72
N VAL B 219 8.48 -14.86 -1.78
CA VAL B 219 8.62 -15.35 -3.12
C VAL B 219 9.67 -14.50 -3.84
N ILE B 220 10.49 -15.12 -4.65
CA ILE B 220 11.38 -14.37 -5.54
C ILE B 220 10.83 -14.48 -6.94
N VAL B 221 10.70 -13.34 -7.64
CA VAL B 221 10.16 -13.28 -8.99
C VAL B 221 11.16 -12.63 -9.92
N GLY B 222 11.35 -13.26 -11.09
CA GLY B 222 12.19 -12.65 -12.11
C GLY B 222 11.80 -13.17 -13.47
N ALA B 223 11.99 -12.33 -14.49
CA ALA B 223 11.79 -12.75 -15.86
C ALA B 223 13.15 -13.19 -16.42
N ASN B 224 13.11 -14.05 -17.44
CA ASN B 224 14.36 -14.51 -18.05
C ASN B 224 15.32 -15.15 -17.06
N PRO B 225 14.90 -16.21 -16.40
CA PRO B 225 15.85 -16.80 -15.47
C PRO B 225 17.08 -17.36 -16.11
N GLU B 226 18.19 -17.36 -15.38
CA GLU B 226 19.46 -17.80 -15.94
C GLU B 226 19.41 -19.31 -16.07
N PRO B 227 19.63 -19.83 -17.29
CA PRO B 227 19.56 -21.29 -17.49
C PRO B 227 20.50 -22.04 -16.57
N GLU B 228 20.00 -23.09 -15.93
CA GLU B 228 20.83 -23.98 -15.12
C GLU B 228 21.42 -23.30 -13.90
N ILE B 229 20.96 -22.08 -13.61
CA ILE B 229 21.41 -21.34 -12.43
C ILE B 229 20.20 -21.02 -11.50
N GLU B 230 19.20 -20.36 -12.06
CA GLU B 230 17.93 -20.13 -11.38
C GLU B 230 17.03 -21.29 -11.86
N ARG B 231 16.13 -21.70 -11.00
CA ARG B 231 15.26 -22.83 -11.24
C ARG B 231 13.81 -22.35 -11.06
N PRO B 232 13.10 -22.04 -12.17
CA PRO B 232 11.72 -21.59 -12.01
C PRO B 232 10.80 -22.67 -11.50
N LEU B 233 9.82 -22.24 -10.73
CA LEU B 233 8.77 -23.10 -10.17
C LEU B 233 7.44 -22.91 -10.88
N PHE B 234 7.08 -21.66 -11.17
CA PHE B 234 5.81 -21.32 -11.82
C PHE B 234 6.06 -20.09 -12.69
N GLU B 235 5.27 -19.93 -13.73
CA GLU B 235 5.26 -18.76 -14.59
C GLU B 235 3.98 -17.97 -14.31
N ILE B 236 4.09 -16.65 -14.14
CA ILE B 236 2.93 -15.80 -13.89
C ILE B 236 2.51 -15.21 -15.23
N VAL B 237 1.44 -15.75 -15.79
CA VAL B 237 1.08 -15.49 -17.18
C VAL B 237 0.18 -14.26 -17.35
N ALA B 238 -0.89 -14.17 -16.56
CA ALA B 238 -1.88 -13.10 -16.70
C ALA B 238 -2.63 -12.98 -15.40
N CYS B 239 -3.16 -11.80 -15.12
CA CYS B 239 -3.84 -11.54 -13.86
C CYS B 239 -5.08 -10.70 -14.10
N ARG B 240 -6.04 -10.77 -13.18
CA ARG B 240 -7.25 -9.96 -13.24
C ARG B 240 -7.75 -9.70 -11.85
N GLN B 241 -8.21 -8.50 -11.58
CA GLN B 241 -8.80 -8.12 -10.31
C GLN B 241 -10.21 -7.63 -10.58
N THR B 242 -11.16 -8.03 -9.74
CA THR B 242 -12.52 -7.58 -9.93
C THR B 242 -13.25 -7.48 -8.62
N ILE B 243 -14.27 -6.64 -8.62
CA ILE B 243 -15.17 -6.47 -7.48
C ILE B 243 -16.46 -7.22 -7.76
N LEU B 244 -16.84 -8.10 -6.83
CA LEU B 244 -18.06 -8.88 -7.00
C LEU B 244 -19.26 -7.97 -6.71
N PRO B 245 -20.26 -7.95 -7.58
CA PRO B 245 -21.36 -7.00 -7.38
C PRO B 245 -22.11 -7.18 -6.07
N ASN B 246 -22.51 -6.03 -5.49
CA ASN B 246 -23.44 -5.99 -4.38
C ASN B 246 -22.95 -6.71 -3.14
N SER B 247 -21.66 -6.63 -2.86
CA SER B 247 -21.06 -7.39 -1.77
C SER B 247 -20.16 -6.56 -0.87
N GLU B 248 -20.41 -5.26 -0.79
CA GLU B 248 -19.50 -4.39 -0.04
C GLU B 248 -19.44 -4.73 1.45
N HIS B 249 -20.53 -5.29 1.95
CA HIS B 249 -20.64 -5.70 3.35
C HIS B 249 -20.00 -7.06 3.62
N GLY B 250 -19.43 -7.71 2.59
CA GLY B 250 -18.94 -9.06 2.78
C GLY B 250 -17.87 -9.18 3.83
N VAL B 251 -16.79 -8.40 3.64
CA VAL B 251 -15.70 -8.36 4.57
C VAL B 251 -15.29 -6.90 4.77
N VAL B 252 -15.35 -6.44 6.02
CA VAL B 252 -15.04 -5.06 6.37
C VAL B 252 -14.09 -5.12 7.54
N ALA B 253 -13.05 -4.29 7.52
CA ALA B 253 -12.20 -4.16 8.68
C ALA B 253 -11.81 -2.72 8.86
N ASN B 254 -11.91 -2.24 10.09
CA ASN B 254 -11.68 -0.84 10.42
C ASN B 254 -10.57 -0.75 11.44
N ILE B 255 -9.72 0.23 11.26
CA ILE B 255 -8.55 0.49 12.09
C ILE B 255 -8.97 1.52 13.14
N ARG B 256 -9.11 1.06 14.38
CA ARG B 256 -9.78 1.78 15.44
C ARG B 256 -8.97 1.78 16.73
N GLU B 257 -9.41 2.56 17.70
CA GLU B 257 -8.77 2.61 19.00
C GLU B 257 -8.76 1.25 19.69
N MET B 258 -9.75 0.41 19.39
CA MET B 258 -9.85 -0.93 19.97
C MET B 258 -9.04 -2.00 19.23
N GLY B 259 -8.27 -1.59 18.23
CA GLY B 259 -7.58 -2.52 17.36
C GLY B 259 -8.19 -2.58 15.98
N PHE B 260 -7.88 -3.62 15.23
CA PHE B 260 -8.44 -3.79 13.89
C PHE B 260 -9.71 -4.61 14.04
N ASN B 261 -10.85 -3.94 13.95
CA ASN B 261 -12.15 -4.56 14.11
C ASN B 261 -12.60 -5.09 12.77
N TYR B 262 -13.43 -6.12 12.74
CA TYR B 262 -13.85 -6.71 11.48
C TYR B 262 -15.26 -7.24 11.56
N TYR B 263 -15.85 -7.31 10.38
CA TYR B 263 -17.20 -7.83 10.16
C TYR B 263 -17.15 -8.76 8.97
N LEU B 264 -17.83 -9.91 9.10
CA LEU B 264 -17.86 -10.93 8.06
C LEU B 264 -19.30 -11.32 7.81
N SER B 265 -19.79 -11.14 6.59
CA SER B 265 -21.13 -11.56 6.25
C SER B 265 -21.20 -13.06 6.02
N GLY B 266 -22.28 -13.66 6.50
CA GLY B 266 -22.51 -15.07 6.22
C GLY B 266 -22.72 -15.39 4.76
N ASP B 267 -22.93 -14.37 3.95
CA ASP B 267 -23.14 -14.58 2.51
C ASP B 267 -21.86 -14.63 1.70
N VAL B 268 -20.70 -14.43 2.32
CA VAL B 268 -19.46 -14.44 1.54
C VAL B 268 -19.30 -15.70 0.67
N PRO B 269 -19.50 -16.90 1.24
CA PRO B 269 -19.33 -18.09 0.39
C PRO B 269 -20.25 -18.06 -0.84
N LYS B 270 -21.52 -17.74 -0.66
CA LYS B 270 -22.43 -17.72 -1.80
C LYS B 270 -22.03 -16.67 -2.84
N PHE B 271 -21.50 -15.52 -2.42
CA PHE B 271 -21.01 -14.54 -3.38
C PHE B 271 -19.86 -15.10 -4.20
N VAL B 272 -18.94 -15.79 -3.54
CA VAL B 272 -17.82 -16.39 -4.25
C VAL B 272 -18.35 -17.42 -5.23
N GLY B 273 -19.21 -18.32 -4.77
CA GLY B 273 -19.75 -19.32 -5.65
C GLY B 273 -20.54 -18.73 -6.81
N GLY B 274 -21.25 -17.63 -6.58
CA GLY B 274 -22.07 -17.01 -7.60
C GLY B 274 -21.24 -16.26 -8.65
N ASN B 275 -19.96 -16.03 -8.39
CA ASN B 275 -19.11 -15.31 -9.33
C ASN B 275 -17.95 -16.11 -9.89
N VAL B 276 -17.67 -17.29 -9.35
CA VAL B 276 -16.45 -17.99 -9.73
C VAL B 276 -16.39 -18.40 -11.19
N VAL B 277 -17.51 -18.86 -11.78
CA VAL B 277 -17.45 -19.18 -13.19
C VAL B 277 -17.07 -17.95 -13.98
N ASP B 278 -17.72 -16.82 -13.66
CA ASP B 278 -17.44 -15.60 -14.38
C ASP B 278 -15.99 -15.13 -14.23
N PHE B 279 -15.50 -15.04 -13.00
CA PHE B 279 -14.15 -14.51 -12.83
C PHE B 279 -13.09 -15.46 -13.40
N MET B 280 -13.34 -16.76 -13.34
CA MET B 280 -12.42 -17.71 -13.97
C MET B 280 -12.45 -17.58 -15.48
N THR B 281 -13.64 -17.46 -16.04
CA THR B 281 -13.78 -17.33 -17.48
C THR B 281 -13.10 -16.08 -18.00
N LYS B 282 -13.35 -14.95 -17.35
CA LYS B 282 -12.79 -13.68 -17.79
C LYS B 282 -11.28 -13.65 -17.60
N THR B 283 -10.77 -14.33 -16.59
CA THR B 283 -9.33 -14.41 -16.40
C THR B 283 -8.68 -15.21 -17.53
N PHE B 284 -9.21 -16.38 -17.84
CA PHE B 284 -8.61 -17.21 -18.85
C PHE B 284 -8.81 -16.69 -20.26
N GLU B 285 -9.80 -15.83 -20.46
CA GLU B 285 -9.93 -15.11 -21.74
C GLU B 285 -8.72 -14.24 -22.04
N LYS B 286 -7.98 -13.83 -21.01
N LYS B 286 -7.91 -13.93 -21.03
CA LYS B 286 -6.79 -12.99 -21.21
CA LYS B 286 -6.67 -13.22 -21.29
C LYS B 286 -5.63 -13.79 -21.77
C LYS B 286 -5.58 -14.11 -21.89
N VAL B 287 -5.79 -15.11 -21.87
N VAL B 287 -5.69 -15.42 -21.73
CA VAL B 287 -4.73 -16.00 -22.34
CA VAL B 287 -4.61 -16.33 -22.13
C VAL B 287 -5.08 -16.74 -23.61
C VAL B 287 -4.99 -17.31 -23.23
N ASP B 288 -6.26 -17.38 -23.60
CA ASP B 288 -6.67 -18.39 -24.58
C ASP B 288 -8.08 -18.07 -25.03
N GLY B 289 -8.36 -18.22 -26.32
CA GLY B 289 -9.70 -18.01 -26.81
C GLY B 289 -10.58 -19.25 -26.66
N LYS B 290 -9.97 -20.40 -26.40
CA LYS B 290 -10.76 -21.62 -26.19
C LYS B 290 -11.28 -21.67 -24.78
N LYS B 291 -12.46 -22.25 -24.66
CA LYS B 291 -13.06 -22.54 -23.36
C LYS B 291 -12.20 -23.49 -22.58
N LYS B 292 -12.09 -23.24 -21.28
CA LYS B 292 -11.31 -24.07 -20.40
C LYS B 292 -12.11 -25.20 -19.75
N ASP B 293 -11.46 -26.34 -19.58
CA ASP B 293 -11.94 -27.38 -18.71
C ASP B 293 -11.35 -27.12 -17.33
N TRP B 294 -12.17 -26.77 -16.35
CA TRP B 294 -11.65 -26.38 -15.05
C TRP B 294 -10.86 -27.49 -14.37
N ASN B 295 -11.21 -28.75 -14.64
CA ASN B 295 -10.48 -29.88 -14.07
C ASN B 295 -9.09 -30.09 -14.66
N SER B 296 -8.77 -29.38 -15.74
CA SER B 296 -7.44 -29.47 -16.33
C SER B 296 -6.44 -28.58 -15.61
N LEU B 297 -6.91 -27.77 -14.65
CA LEU B 297 -6.06 -26.80 -13.96
C LEU B 297 -5.61 -27.30 -12.61
N PHE B 298 -4.47 -26.77 -12.14
CA PHE B 298 -4.14 -26.84 -10.72
C PHE B 298 -4.57 -25.53 -10.03
N PHE B 299 -4.85 -25.60 -8.73
CA PHE B 299 -5.45 -24.48 -8.02
C PHE B 299 -4.76 -24.14 -6.71
N SER B 300 -4.54 -22.86 -6.48
CA SER B 300 -4.24 -22.35 -5.15
C SER B 300 -5.37 -21.37 -4.79
N VAL B 301 -6.29 -21.79 -3.93
CA VAL B 301 -7.45 -20.99 -3.58
C VAL B 301 -7.29 -20.46 -2.18
N HIS B 302 -7.43 -19.15 -1.99
CA HIS B 302 -7.36 -18.60 -0.68
C HIS B 302 -8.47 -19.19 0.20
N PRO B 303 -8.11 -19.91 1.29
CA PRO B 303 -9.14 -20.61 2.06
C PRO B 303 -9.67 -19.72 3.17
N GLY B 304 -10.42 -18.68 2.76
CA GLY B 304 -10.90 -17.71 3.71
C GLY B 304 -11.70 -18.38 4.81
N GLY B 305 -12.43 -19.41 4.42
CA GLY B 305 -12.98 -20.42 5.32
C GLY B 305 -13.26 -21.64 4.47
N PRO B 306 -13.62 -22.75 5.10
CA PRO B 306 -13.86 -23.97 4.35
C PRO B 306 -15.01 -23.83 3.38
N ALA B 307 -16.02 -23.01 3.69
CA ALA B 307 -17.14 -22.90 2.78
C ALA B 307 -16.74 -22.24 1.47
N ILE B 308 -15.80 -21.33 1.51
CA ILE B 308 -15.31 -20.70 0.28
C ILE B 308 -14.68 -21.75 -0.64
N VAL B 309 -13.87 -22.63 -0.04
CA VAL B 309 -13.22 -23.67 -0.81
C VAL B 309 -14.29 -24.58 -1.44
N ASP B 310 -15.30 -24.95 -0.64
CA ASP B 310 -16.38 -25.80 -1.13
C ASP B 310 -17.13 -25.14 -2.30
N GLN B 311 -17.34 -23.83 -2.25
CA GLN B 311 -18.07 -23.12 -3.29
C GLN B 311 -17.30 -23.14 -4.62
N VAL B 312 -15.98 -22.94 -4.56
CA VAL B 312 -15.16 -23.01 -5.77
C VAL B 312 -15.24 -24.40 -6.37
N GLU B 313 -15.08 -25.42 -5.53
CA GLU B 313 -15.17 -26.79 -5.98
C GLU B 313 -16.52 -27.07 -6.64
N GLU B 314 -17.59 -26.64 -5.99
CA GLU B 314 -18.92 -26.95 -6.50
C GLU B 314 -19.20 -26.26 -7.82
N LYS B 315 -18.99 -24.96 -7.89
CA LYS B 315 -19.45 -24.23 -9.06
C LYS B 315 -18.55 -24.46 -10.29
N LEU B 316 -17.30 -24.85 -10.07
CA LEU B 316 -16.41 -25.20 -11.17
C LEU B 316 -16.49 -26.69 -11.51
N GLY B 317 -17.30 -27.45 -10.78
CA GLY B 317 -17.42 -28.88 -11.04
C GLY B 317 -16.12 -29.64 -10.84
N LEU B 318 -15.33 -29.26 -9.84
CA LEU B 318 -14.04 -29.90 -9.64
C LEU B 318 -14.19 -31.28 -9.04
N LYS B 319 -13.35 -32.18 -9.55
CA LYS B 319 -13.32 -33.56 -9.09
C LYS B 319 -12.79 -33.68 -7.68
N GLU B 320 -13.09 -34.81 -7.07
CA GLU B 320 -12.58 -35.12 -5.75
C GLU B 320 -11.07 -35.02 -5.74
N GLY B 321 -10.58 -34.32 -4.74
CA GLY B 321 -9.16 -34.17 -4.51
C GLY B 321 -8.50 -33.04 -5.26
N LYS B 322 -9.23 -32.37 -6.15
CA LYS B 322 -8.60 -31.30 -6.92
C LYS B 322 -8.04 -30.22 -5.98
N LEU B 323 -8.75 -29.90 -4.90
CA LEU B 323 -8.33 -28.85 -3.95
C LEU B 323 -7.59 -29.38 -2.72
N ARG B 324 -6.97 -30.56 -2.83
CA ARG B 324 -6.27 -31.16 -1.73
C ARG B 324 -5.20 -30.24 -1.10
N ALA B 325 -4.38 -29.58 -1.92
CA ALA B 325 -3.32 -28.75 -1.38
C ALA B 325 -3.89 -27.56 -0.59
N THR B 326 -4.93 -26.95 -1.13
CA THR B 326 -5.62 -25.88 -0.45
C THR B 326 -6.15 -26.34 0.91
N ARG B 327 -6.85 -27.47 0.92
CA ARG B 327 -7.43 -27.98 2.15
C ARG B 327 -6.37 -28.40 3.16
N HIS B 328 -5.25 -28.91 2.66
CA HIS B 328 -4.16 -29.30 3.55
C HIS B 328 -3.62 -28.09 4.30
N VAL B 329 -3.39 -26.99 3.58
CA VAL B 329 -2.89 -25.80 4.24
C VAL B 329 -3.91 -25.23 5.23
N LEU B 330 -5.19 -25.17 4.85
CA LEU B 330 -6.19 -24.71 5.79
C LEU B 330 -6.16 -25.58 7.06
N SER B 331 -6.05 -26.90 6.88
CA SER B 331 -6.05 -27.81 8.01
C SER B 331 -4.84 -27.57 8.93
N GLU B 332 -3.65 -27.42 8.36
CA GLU B 332 -2.42 -27.40 9.15
C GLU B 332 -2.02 -26.01 9.63
N TYR B 333 -2.58 -24.96 9.03
CA TYR B 333 -2.19 -23.59 9.32
C TYR B 333 -3.31 -22.60 9.56
N GLY B 334 -4.53 -22.93 9.17
CA GLY B 334 -5.61 -21.96 9.20
C GLY B 334 -5.52 -20.91 8.10
N ASN B 335 -6.32 -19.87 8.24
CA ASN B 335 -6.36 -18.75 7.29
C ASN B 335 -5.39 -17.71 7.76
N MET B 336 -4.21 -17.66 7.12
CA MET B 336 -3.16 -16.73 7.45
C MET B 336 -3.19 -15.45 6.63
N GLY B 337 -4.29 -15.20 5.93
CA GLY B 337 -4.37 -14.03 5.08
C GLY B 337 -3.58 -14.19 3.81
N ALA B 338 -3.08 -13.08 3.30
CA ALA B 338 -2.38 -13.06 2.00
C ALA B 338 -1.32 -14.14 1.78
N PRO B 339 -0.50 -14.50 2.80
CA PRO B 339 0.50 -15.54 2.52
C PRO B 339 -0.08 -16.90 2.17
N THR B 340 -1.33 -17.17 2.51
CA THR B 340 -1.84 -18.54 2.46
C THR B 340 -1.72 -19.16 1.08
N VAL B 341 -2.06 -18.43 0.02
CA VAL B 341 -1.96 -19.02 -1.31
C VAL B 341 -0.52 -19.36 -1.69
N HIS B 342 0.46 -18.71 -1.08
CA HIS B 342 1.85 -19.06 -1.33
C HIS B 342 2.24 -20.33 -0.57
N PHE B 343 1.73 -20.50 0.65
CA PHE B 343 1.88 -21.77 1.33
C PHE B 343 1.31 -22.91 0.48
N ILE B 344 0.17 -22.65 -0.15
CA ILE B 344 -0.49 -23.66 -0.97
C ILE B 344 0.35 -24.02 -2.19
N LEU B 345 0.92 -23.03 -2.87
CA LEU B 345 1.79 -23.33 -3.99
C LEU B 345 3.03 -24.12 -3.54
N ASP B 346 3.58 -23.77 -2.38
CA ASP B 346 4.71 -24.51 -1.84
C ASP B 346 4.36 -25.97 -1.56
N GLU B 347 3.21 -26.15 -0.92
CA GLU B 347 2.69 -27.47 -0.61
C GLU B 347 2.49 -28.29 -1.89
N MET B 348 1.92 -27.66 -2.91
CA MET B 348 1.69 -28.33 -4.17
C MET B 348 3.00 -28.76 -4.81
N ARG B 349 3.99 -27.88 -4.82
CA ARG B 349 5.30 -28.22 -5.35
C ARG B 349 5.90 -29.40 -4.56
N ASN B 350 5.81 -29.34 -3.23
N ASN B 350 5.77 -29.37 -3.25
CA ASN B 350 6.37 -30.38 -2.37
CA ASN B 350 6.39 -30.40 -2.43
C ASN B 350 5.70 -31.73 -2.64
C ASN B 350 5.70 -31.74 -2.58
N LYS B 351 4.37 -31.74 -2.67
CA LYS B 351 3.64 -32.96 -2.89
C LYS B 351 3.91 -33.51 -4.28
N SER B 352 4.09 -32.64 -5.25
CA SER B 352 4.37 -33.06 -6.62
C SER B 352 5.75 -33.76 -6.68
N ILE B 353 6.72 -33.26 -5.93
CA ILE B 353 8.00 -33.95 -5.80
C ILE B 353 7.78 -35.31 -5.13
N GLU B 354 7.05 -35.35 -4.03
CA GLU B 354 6.81 -36.61 -3.31
C GLU B 354 6.18 -37.66 -4.19
N GLU B 355 5.22 -37.26 -5.00
CA GLU B 355 4.46 -38.19 -5.84
C GLU B 355 5.12 -38.50 -7.18
N GLY B 356 6.24 -37.87 -7.47
CA GLY B 356 6.90 -38.10 -8.75
C GLY B 356 6.15 -37.52 -9.94
N LYS B 357 5.42 -36.44 -9.72
CA LYS B 357 4.74 -35.78 -10.83
C LYS B 357 5.76 -35.12 -11.76
N THR B 358 5.33 -34.84 -12.98
CA THR B 358 6.24 -34.27 -13.98
C THR B 358 6.39 -32.75 -13.85
N THR B 359 5.46 -32.10 -13.17
CA THR B 359 5.50 -30.65 -13.01
C THR B 359 5.17 -30.25 -11.57
N THR B 360 5.49 -29.02 -11.24
CA THR B 360 5.22 -28.45 -9.94
C THR B 360 3.72 -28.24 -9.65
N GLY B 361 2.91 -28.29 -10.71
CA GLY B 361 1.47 -28.10 -10.61
C GLY B 361 0.73 -29.43 -10.72
N GLU B 362 1.15 -30.41 -9.93
CA GLU B 362 0.43 -31.69 -9.85
C GLU B 362 0.48 -32.44 -11.19
N GLY B 363 1.52 -32.20 -11.97
CA GLY B 363 1.65 -32.81 -13.28
C GLY B 363 0.89 -32.13 -14.40
N LEU B 364 0.20 -31.03 -14.09
CA LEU B 364 -0.58 -30.27 -15.07
C LEU B 364 0.19 -29.06 -15.54
N GLU B 365 -0.25 -28.47 -16.65
CA GLU B 365 0.42 -27.32 -17.24
CA GLU B 365 0.42 -27.31 -17.25
C GLU B 365 -0.06 -25.98 -16.70
N TRP B 366 -1.39 -25.78 -16.69
CA TRP B 366 -2.00 -24.49 -16.36
C TRP B 366 -2.64 -24.53 -15.01
N GLY B 367 -2.63 -23.40 -14.32
CA GLY B 367 -3.28 -23.31 -13.02
C GLY B 367 -3.66 -21.89 -12.68
N VAL B 368 -4.18 -21.71 -11.47
CA VAL B 368 -4.64 -20.40 -11.05
C VAL B 368 -4.46 -20.21 -9.56
N VAL B 369 -4.17 -18.97 -9.17
CA VAL B 369 -4.22 -18.51 -7.80
C VAL B 369 -5.44 -17.62 -7.66
N ILE B 370 -6.26 -17.87 -6.66
CA ILE B 370 -7.47 -17.10 -6.41
C ILE B 370 -7.41 -16.46 -5.03
N GLY B 371 -7.24 -15.15 -4.99
CA GLY B 371 -7.28 -14.38 -3.75
C GLY B 371 -8.64 -13.72 -3.60
N ILE B 372 -9.17 -13.70 -2.39
CA ILE B 372 -10.53 -13.22 -2.13
C ILE B 372 -10.48 -12.36 -0.86
N GLY B 373 -10.97 -11.12 -0.91
CA GLY B 373 -10.94 -10.24 0.26
C GLY B 373 -11.94 -9.10 0.15
N PRO B 374 -11.73 -8.02 0.92
CA PRO B 374 -12.71 -6.93 1.01
C PRO B 374 -13.12 -6.37 -0.34
N GLY B 375 -14.41 -6.09 -0.49
CA GLY B 375 -14.96 -5.48 -1.70
C GLY B 375 -16.37 -5.96 -2.03
N LEU B 376 -16.61 -7.26 -2.12
CA LEU B 376 -15.59 -8.30 -2.19
C LEU B 376 -14.75 -8.13 -3.44
N THR B 377 -13.45 -8.32 -3.28
CA THR B 377 -12.49 -8.27 -4.36
C THR B 377 -11.90 -9.65 -4.56
N VAL B 378 -11.83 -10.06 -5.82
CA VAL B 378 -11.13 -11.27 -6.22
C VAL B 378 -10.00 -10.92 -7.16
N GLU B 379 -8.81 -11.39 -6.85
CA GLU B 379 -7.70 -11.28 -7.80
C GLU B 379 -7.27 -12.67 -8.16
N THR B 380 -7.15 -12.92 -9.45
CA THR B 380 -6.69 -14.18 -10.00
C THR B 380 -5.36 -13.98 -10.69
N ALA B 381 -4.52 -14.98 -10.61
CA ALA B 381 -3.28 -15.04 -11.35
C ALA B 381 -3.26 -16.40 -12.06
N VAL B 382 -3.17 -16.37 -13.38
CA VAL B 382 -2.99 -17.58 -14.17
C VAL B 382 -1.52 -17.94 -14.16
N LEU B 383 -1.26 -19.20 -13.81
CA LEU B 383 0.09 -19.72 -13.76
C LEU B 383 0.28 -20.82 -14.78
N ARG B 384 1.53 -21.03 -15.16
CA ARG B 384 1.96 -22.29 -15.73
C ARG B 384 2.93 -22.92 -14.74
N SER B 385 2.92 -24.25 -14.68
CA SER B 385 3.88 -25.00 -13.89
C SER B 385 5.22 -25.05 -14.59
N GLU B 386 6.19 -25.67 -13.93
CA GLU B 386 7.49 -25.92 -14.51
C GLU B 386 7.82 -27.36 -14.26
N SER B 387 8.72 -27.90 -15.07
CA SER B 387 9.15 -29.27 -14.92
CA SER B 387 9.16 -29.28 -14.92
CA SER B 387 9.16 -29.28 -14.92
C SER B 387 9.91 -29.47 -13.62
N ILE B 388 9.70 -30.62 -12.99
CA ILE B 388 10.46 -30.93 -11.78
C ILE B 388 11.95 -31.23 -12.05
N ARG B 389 12.22 -31.91 -13.15
CA ARG B 389 13.61 -32.20 -13.49
C ARG B 389 14.29 -31.06 -14.26
#